data_5B2D
#
_entry.id   5B2D
#
_cell.length_a   136.875
_cell.length_b   136.875
_cell.length_c   177.274
_cell.angle_alpha   90.00
_cell.angle_beta   90.00
_cell.angle_gamma   120.00
#
_symmetry.space_group_name_H-M   'P 61'
#
loop_
_entity.id
_entity.type
_entity.pdbx_description
1 polymer 'HN protein'
2 branched 'N-acetyl-alpha-neuraminic acid-(2-3)-beta-D-galactopyranose-(1-4)-alpha-D-glucopyranose'
3 non-polymer 2-acetamido-2-deoxy-beta-D-glucopyranose
4 non-polymer 'SULFATE ION'
5 water water
#
_entity_poly.entity_id   1
_entity_poly.type   'polypeptide(L)'
_entity_poly.pdbx_seq_one_letter_code
;ETGGNQNQLLSTLATIRTGKKQVSNCSTNIPLVNDLRFINGINKFIIEDYATHDFSIGHPLNMPSFIPTATSPNGCTRIP
SFSLGKTHWCYTHNVINANCKDHTSSNQYISMGILVQTASGYPMFKTLKIQYLSDGLNRKSCSIATVPDGCAMYCYVSTQ
LETDDYAGSSPPTQKLTLLFYNDTVTERTISPTGLEGNWATLVPGVGSGIYFENKLIFPAYGGVLPNSTLGVKSAREFFR
PVNPYNPCSGPQQDLDQRALRSYFPSYFSNRRVQSAFLVCAWNQILVTNCELVVPSNNQTLMGAEGRVLLINNRLLYYQR
STSWWPYELLYEISFTFTNSGQSSVNMSWIPIYSFTRPGSGNCSGENVCPTACVSGVYLDPWPLTPYSHQSGINRNFYFT
GALLNSSTTRVNPTLYVSALNNLKVLAPYGNQGLFASYTTTTCFQDTGDASVYCVYIMELASNIVGEFQILPVLTRLTIT
GTKHHHHHH
;
_entity_poly.pdbx_strand_id   A,B
#
# COMPACT_ATOMS: atom_id res chain seq x y z
N PRO A 31 -16.91 10.92 11.31
CA PRO A 31 -18.01 10.06 10.87
C PRO A 31 -17.60 9.20 9.68
N LEU A 32 -18.18 8.01 9.61
CA LEU A 32 -17.92 7.13 8.49
C LEU A 32 -18.88 7.50 7.38
N VAL A 33 -18.48 8.53 6.63
CA VAL A 33 -19.31 9.06 5.55
C VAL A 33 -18.48 9.77 4.48
N ASN A 34 -18.81 9.50 3.22
CA ASN A 34 -18.15 10.16 2.10
C ASN A 34 -18.33 11.67 2.12
N ASP A 35 -17.36 12.36 1.52
CA ASP A 35 -17.50 13.78 1.19
C ASP A 35 -18.83 13.99 0.48
N LEU A 36 -19.55 15.07 0.80
CA LEU A 36 -20.93 15.22 0.35
C LEU A 36 -21.09 15.38 -1.16
N ARG A 37 -20.03 15.80 -1.84
CA ARG A 37 -20.09 15.96 -3.29
C ARG A 37 -20.10 14.61 -4.02
N PHE A 38 -19.93 13.51 -3.30
CA PHE A 38 -19.96 12.18 -3.92
C PHE A 38 -21.18 11.35 -3.57
N ILE A 39 -21.89 11.72 -2.52
CA ILE A 39 -22.93 10.84 -1.98
C ILE A 39 -24.12 10.67 -2.93
N ASN A 40 -24.41 11.70 -3.72
CA ASN A 40 -25.49 11.60 -4.68
C ASN A 40 -24.99 11.30 -6.09
N GLY A 41 -23.69 11.06 -6.21
CA GLY A 41 -23.12 10.67 -7.49
C GLY A 41 -22.66 9.22 -7.53
N ILE A 42 -23.08 8.45 -6.53
CA ILE A 42 -22.64 7.06 -6.39
C ILE A 42 -23.80 6.08 -6.68
N ASN A 43 -23.50 5.00 -7.40
CA ASN A 43 -24.51 4.03 -7.84
C ASN A 43 -25.62 4.67 -8.65
N LYS A 44 -25.21 5.52 -9.58
CA LYS A 44 -26.11 6.23 -10.47
C LYS A 44 -25.78 5.88 -11.89
N PHE A 45 -26.76 5.97 -12.80
CA PHE A 45 -26.42 5.98 -14.20
C PHE A 45 -25.95 7.38 -14.58
N ILE A 46 -24.68 7.48 -14.91
CA ILE A 46 -24.04 8.76 -15.24
C ILE A 46 -24.61 9.38 -16.53
N ILE A 47 -24.93 8.53 -17.50
CA ILE A 47 -25.49 8.99 -18.77
C ILE A 47 -26.92 8.49 -18.97
N GLU A 48 -27.89 9.38 -18.78
CA GLU A 48 -29.30 9.06 -19.00
C GLU A 48 -29.75 9.59 -20.35
N ASP A 49 -28.78 9.94 -21.18
CA ASP A 49 -29.00 10.57 -22.48
C ASP A 49 -29.71 9.68 -23.50
N TYR A 50 -29.33 8.40 -23.52
CA TYR A 50 -29.71 7.44 -24.56
C TYR A 50 -29.12 7.84 -25.90
N ALA A 51 -28.35 8.93 -25.91
CA ALA A 51 -27.75 9.43 -27.13
C ALA A 51 -26.35 8.85 -27.31
N THR A 52 -25.78 9.06 -28.49
CA THR A 52 -24.45 8.58 -28.78
C THR A 52 -23.43 9.47 -28.10
N HIS A 53 -22.30 8.89 -27.70
CA HIS A 53 -21.26 9.64 -27.02
C HIS A 53 -19.87 9.18 -27.44
N ASP A 54 -18.92 10.12 -27.35
CA ASP A 54 -17.52 9.80 -27.53
C ASP A 54 -16.83 9.91 -26.18
N PHE A 55 -15.76 9.17 -25.99
CA PHE A 55 -15.14 9.10 -24.68
C PHE A 55 -13.64 9.33 -24.74
N SER A 56 -13.12 9.95 -23.69
CA SER A 56 -11.69 9.99 -23.46
C SER A 56 -11.39 9.59 -22.02
N ILE A 57 -10.48 8.64 -21.84
CA ILE A 57 -10.09 8.21 -20.51
C ILE A 57 -8.82 8.94 -20.09
N GLY A 58 -8.93 9.72 -19.02
CA GLY A 58 -7.80 10.51 -18.54
C GLY A 58 -6.64 9.70 -17.98
N HIS A 59 -5.54 10.40 -17.70
CA HIS A 59 -4.36 9.77 -17.11
C HIS A 59 -4.57 9.46 -15.64
N PRO A 60 -3.88 8.43 -15.13
CA PRO A 60 -3.97 8.06 -13.71
C PRO A 60 -3.67 9.23 -12.77
N LEU A 61 -4.54 9.40 -11.77
CA LEU A 61 -4.41 10.45 -10.78
C LEU A 61 -3.68 9.89 -9.55
N ASN A 62 -2.58 10.53 -9.16
CA ASN A 62 -1.75 10.01 -8.08
C ASN A 62 -2.29 10.31 -6.68
N MET A 63 -2.31 9.28 -5.85
CA MET A 63 -2.71 9.40 -4.45
C MET A 63 -2.06 8.25 -3.68
N PRO A 64 -2.11 8.28 -2.35
CA PRO A 64 -1.68 7.07 -1.65
C PRO A 64 -2.64 5.91 -1.90
N SER A 65 -2.11 4.79 -2.37
CA SER A 65 -2.94 3.64 -2.65
C SER A 65 -3.58 3.12 -1.37
N PHE A 66 -4.88 2.86 -1.41
CA PHE A 66 -5.55 2.30 -0.25
C PHE A 66 -5.44 0.78 -0.24
N ILE A 67 -4.83 0.22 -1.28
CA ILE A 67 -4.68 -1.23 -1.36
C ILE A 67 -3.23 -1.61 -1.09
N PRO A 68 -2.99 -2.31 0.02
CA PRO A 68 -1.64 -2.67 0.44
C PRO A 68 -1.02 -3.71 -0.48
N THR A 69 0.29 -3.63 -0.60
CA THR A 69 1.04 -4.51 -1.46
C THR A 69 1.62 -5.62 -0.59
N ALA A 70 2.20 -6.65 -1.20
CA ALA A 70 2.95 -7.64 -0.43
C ALA A 70 4.23 -7.02 0.09
N THR A 71 4.81 -7.57 1.15
CA THR A 71 6.09 -7.07 1.64
C THR A 71 7.24 -8.02 1.29
N SER A 72 6.97 -8.97 0.40
CA SER A 72 8.01 -9.92 0.00
C SER A 72 7.92 -10.13 -1.50
N PRO A 73 9.05 -10.48 -2.14
CA PRO A 73 9.08 -10.64 -3.60
C PRO A 73 8.22 -11.81 -4.08
N ASN A 74 8.16 -12.86 -3.28
CA ASN A 74 7.42 -14.08 -3.63
C ASN A 74 6.12 -14.36 -2.86
N GLY A 75 5.66 -13.40 -2.05
CA GLY A 75 4.41 -13.58 -1.32
C GLY A 75 3.19 -13.28 -2.16
N CYS A 76 2.08 -13.96 -1.96
CA CYS A 76 0.96 -13.83 -2.90
C CYS A 76 -0.14 -12.89 -2.40
N THR A 77 -0.56 -11.92 -3.21
CA THR A 77 -1.73 -11.12 -2.86
C THR A 77 -2.67 -11.07 -4.05
N ARG A 78 -3.87 -11.58 -3.87
CA ARG A 78 -4.77 -11.77 -5.00
C ARG A 78 -6.25 -11.62 -4.63
N ILE A 79 -7.11 -11.67 -5.66
CA ILE A 79 -8.57 -11.76 -5.52
C ILE A 79 -9.22 -10.54 -4.84
N PRO A 80 -9.17 -9.37 -5.51
CA PRO A 80 -9.74 -8.17 -4.90
C PRO A 80 -11.27 -8.13 -4.95
N SER A 81 -11.87 -7.52 -3.95
CA SER A 81 -13.30 -7.30 -3.90
C SER A 81 -13.58 -5.91 -3.37
N PHE A 82 -14.32 -5.11 -4.13
CA PHE A 82 -14.52 -3.71 -3.80
C PHE A 82 -15.97 -3.25 -3.96
N SER A 83 -16.49 -2.57 -2.95
CA SER A 83 -17.82 -1.98 -3.03
C SER A 83 -17.79 -0.52 -2.58
N LEU A 84 -18.22 0.39 -3.45
CA LEU A 84 -18.38 1.78 -3.06
C LEU A 84 -19.86 2.02 -2.80
N GLY A 85 -20.19 2.22 -1.52
CA GLY A 85 -21.55 2.51 -1.12
C GLY A 85 -21.71 4.01 -1.01
N LYS A 86 -22.96 4.42 -0.80
CA LYS A 86 -23.31 5.84 -0.69
C LYS A 86 -22.49 6.58 0.36
N THR A 87 -22.36 5.99 1.54
CA THR A 87 -21.65 6.64 2.63
C THR A 87 -20.19 6.19 2.80
N HIS A 88 -19.84 5.01 2.32
CA HIS A 88 -18.48 4.54 2.47
C HIS A 88 -18.14 3.38 1.55
N TRP A 89 -16.87 3.01 1.52
CA TRP A 89 -16.46 1.87 0.71
C TRP A 89 -15.89 0.77 1.58
N CYS A 90 -15.95 -0.45 1.04
CA CYS A 90 -15.44 -1.67 1.66
C CYS A 90 -14.53 -2.41 0.68
N TYR A 91 -13.44 -2.97 1.19
CA TYR A 91 -12.46 -3.62 0.32
C TYR A 91 -11.89 -4.88 0.97
N THR A 92 -11.59 -5.90 0.16
CA THR A 92 -10.86 -7.05 0.69
C THR A 92 -10.00 -7.76 -0.36
N HIS A 93 -8.88 -8.33 0.07
CA HIS A 93 -8.16 -9.29 -0.78
C HIS A 93 -7.41 -10.35 0.03
N ASN A 94 -6.95 -11.39 -0.65
CA ASN A 94 -6.33 -12.53 -0.01
C ASN A 94 -4.81 -12.38 -0.01
N VAL A 95 -4.19 -12.70 1.12
CA VAL A 95 -2.75 -12.62 1.31
C VAL A 95 -2.18 -13.99 1.72
N ILE A 96 -1.11 -14.42 1.06
CA ILE A 96 -0.44 -15.67 1.41
C ILE A 96 1.04 -15.41 1.65
N ASN A 97 1.57 -15.98 2.73
CA ASN A 97 2.99 -15.88 3.05
C ASN A 97 3.79 -16.91 2.26
N ALA A 98 3.18 -17.41 1.19
CA ALA A 98 3.86 -18.35 0.32
C ALA A 98 3.57 -18.06 -1.14
N ASN A 99 3.96 -19.00 -1.98
CA ASN A 99 3.73 -18.92 -3.41
C ASN A 99 2.23 -18.94 -3.70
N CYS A 100 1.83 -18.27 -4.77
CA CYS A 100 0.42 -18.21 -5.16
C CYS A 100 -0.11 -19.63 -5.41
N LYS A 101 0.69 -20.45 -6.09
CA LYS A 101 0.30 -21.83 -6.38
C LYS A 101 0.17 -22.61 -5.08
N ASP A 102 1.10 -22.37 -4.14
CA ASP A 102 1.06 -23.02 -2.85
C ASP A 102 -0.19 -22.57 -2.11
N HIS A 103 -0.80 -23.45 -1.34
CA HIS A 103 -2.00 -23.02 -0.63
C HIS A 103 -1.89 -22.98 0.89
N THR A 104 -2.17 -24.12 1.54
CA THR A 104 -2.18 -24.25 3.00
C THR A 104 -3.19 -23.20 3.50
N SER A 105 -2.83 -22.34 4.44
CA SER A 105 -3.76 -21.28 4.81
C SER A 105 -3.34 -19.94 4.23
N SER A 106 -4.30 -19.01 4.26
CA SER A 106 -4.12 -17.66 3.79
C SER A 106 -4.79 -16.71 4.76
N ASN A 107 -4.57 -15.42 4.57
CA ASN A 107 -5.17 -14.40 5.42
C ASN A 107 -5.97 -13.44 4.56
N GLN A 108 -6.83 -12.64 5.19
CA GLN A 108 -7.73 -11.81 4.41
C GLN A 108 -7.61 -10.37 4.90
N TYR A 109 -7.12 -9.49 4.04
CA TYR A 109 -7.06 -8.07 4.36
C TYR A 109 -8.40 -7.45 4.04
N ILE A 110 -8.96 -6.77 5.02
CA ILE A 110 -10.25 -6.11 4.88
C ILE A 110 -10.11 -4.66 5.32
N SER A 111 -10.67 -3.72 4.57
CA SER A 111 -10.66 -2.35 5.04
C SER A 111 -11.95 -1.64 4.68
N MET A 112 -12.21 -0.52 5.34
CA MET A 112 -13.34 0.32 5.01
C MET A 112 -12.90 1.76 5.12
N GLY A 113 -13.57 2.63 4.39
CA GLY A 113 -13.19 4.04 4.42
C GLY A 113 -14.14 4.94 3.67
N ILE A 114 -13.67 6.14 3.37
CA ILE A 114 -14.52 7.14 2.73
C ILE A 114 -13.82 7.79 1.55
N LEU A 115 -14.60 8.49 0.73
CA LEU A 115 -14.05 9.35 -0.31
C LEU A 115 -13.80 10.75 0.23
N VAL A 116 -12.59 11.26 0.04
CA VAL A 116 -12.23 12.58 0.51
C VAL A 116 -11.59 13.37 -0.63
N GLN A 117 -11.98 14.64 -0.79
CA GLN A 117 -11.40 15.50 -1.81
C GLN A 117 -10.03 16.02 -1.39
N THR A 118 -9.10 16.09 -2.33
CA THR A 118 -7.76 16.59 -2.05
C THR A 118 -7.51 17.90 -2.79
N ALA A 119 -6.47 18.62 -2.37
CA ALA A 119 -6.11 19.87 -3.02
C ALA A 119 -5.60 19.61 -4.42
N SER A 120 -5.32 18.35 -4.71
CA SER A 120 -4.81 17.96 -6.02
C SER A 120 -5.89 18.11 -7.08
N GLY A 121 -7.15 18.18 -6.64
CA GLY A 121 -8.26 18.38 -7.54
C GLY A 121 -9.15 17.16 -7.73
N TYR A 122 -8.81 16.08 -7.03
CA TYR A 122 -9.53 14.83 -7.19
C TYR A 122 -9.63 14.10 -5.86
N PRO A 123 -10.61 13.19 -5.74
CA PRO A 123 -10.75 12.49 -4.46
C PRO A 123 -9.70 11.41 -4.25
N MET A 124 -9.63 10.97 -3.01
CA MET A 124 -8.67 9.98 -2.57
C MET A 124 -9.43 9.01 -1.68
N PHE A 125 -9.04 7.74 -1.67
CA PHE A 125 -9.73 6.77 -0.82
C PHE A 125 -9.07 6.72 0.55
N LYS A 126 -9.75 7.23 1.57
CA LYS A 126 -9.16 7.32 2.91
C LYS A 126 -9.61 6.17 3.78
N THR A 127 -8.66 5.30 4.13
CA THR A 127 -8.96 4.13 4.95
C THR A 127 -9.26 4.57 6.38
N LEU A 128 -10.37 4.08 6.93
CA LEU A 128 -10.77 4.44 8.27
C LEU A 128 -10.59 3.22 9.18
N LYS A 129 -10.95 2.04 8.70
CA LYS A 129 -10.74 0.83 9.53
C LYS A 129 -10.07 -0.32 8.77
N ILE A 130 -9.14 -0.98 9.45
CA ILE A 130 -8.45 -2.15 8.92
C ILE A 130 -8.67 -3.39 9.79
N GLN A 131 -8.97 -4.50 9.15
CA GLN A 131 -9.03 -5.78 9.85
C GLN A 131 -8.26 -6.80 9.03
N TYR A 132 -7.24 -7.39 9.62
CA TYR A 132 -6.46 -8.42 8.95
C TYR A 132 -6.81 -9.77 9.56
N LEU A 133 -7.66 -10.54 8.88
CA LEU A 133 -8.05 -11.83 9.43
C LEU A 133 -6.92 -12.81 9.18
N SER A 134 -6.20 -13.09 10.26
CA SER A 134 -5.11 -14.05 10.25
C SER A 134 -5.26 -14.95 11.46
N ASP A 135 -6.05 -16.01 11.33
CA ASP A 135 -6.24 -16.96 12.41
C ASP A 135 -5.93 -18.40 12.02
N GLY A 136 -5.42 -18.59 10.81
CA GLY A 136 -5.13 -19.92 10.32
C GLY A 136 -6.27 -20.58 9.57
N LEU A 137 -7.42 -19.91 9.52
CA LEU A 137 -8.54 -20.40 8.71
C LEU A 137 -8.38 -19.92 7.27
N ASN A 138 -8.36 -20.86 6.33
CA ASN A 138 -8.11 -20.50 4.94
C ASN A 138 -9.40 -20.08 4.28
N ARG A 139 -9.73 -18.80 4.46
CA ARG A 139 -10.90 -18.20 3.86
C ARG A 139 -10.53 -17.74 2.47
N LYS A 140 -11.26 -18.18 1.45
CA LYS A 140 -10.92 -17.74 0.10
C LYS A 140 -12.17 -17.54 -0.78
N SER A 141 -11.94 -16.89 -1.92
CA SER A 141 -12.97 -16.52 -2.88
C SER A 141 -13.97 -15.52 -2.29
N CYS A 142 -13.50 -14.69 -1.36
CA CYS A 142 -14.38 -13.81 -0.57
C CYS A 142 -15.01 -12.66 -1.35
N SER A 143 -16.30 -12.44 -1.13
CA SER A 143 -17.02 -11.26 -1.63
C SER A 143 -17.25 -10.29 -0.49
N ILE A 144 -17.08 -9.00 -0.74
CA ILE A 144 -17.40 -8.01 0.28
C ILE A 144 -18.60 -7.16 -0.16
N ALA A 145 -19.30 -6.59 0.81
CA ALA A 145 -20.46 -5.75 0.56
C ALA A 145 -20.48 -4.62 1.57
N THR A 146 -20.80 -3.43 1.08
CA THR A 146 -20.97 -2.29 1.97
C THR A 146 -22.33 -2.38 2.65
N VAL A 147 -22.32 -2.39 3.98
CA VAL A 147 -23.54 -2.47 4.78
C VAL A 147 -23.57 -1.33 5.80
N PRO A 148 -24.73 -1.08 6.45
CA PRO A 148 -24.77 0.03 7.41
C PRO A 148 -23.68 -0.04 8.46
N ASP A 149 -22.92 1.04 8.57
CA ASP A 149 -21.83 1.20 9.53
C ASP A 149 -20.70 0.20 9.36
N GLY A 150 -20.57 -0.40 8.17
CA GLY A 150 -19.50 -1.35 7.97
C GLY A 150 -19.51 -2.21 6.74
N CYS A 151 -18.96 -3.41 6.87
CA CYS A 151 -18.78 -4.33 5.75
C CYS A 151 -19.27 -5.72 6.10
N ALA A 152 -19.78 -6.44 5.11
CA ALA A 152 -20.08 -7.84 5.30
C ALA A 152 -19.32 -8.66 4.26
N MET A 153 -18.66 -9.71 4.69
CA MET A 153 -17.85 -10.52 3.79
C MET A 153 -18.34 -11.96 3.79
N TYR A 154 -18.48 -12.53 2.59
CA TYR A 154 -18.88 -13.92 2.44
C TYR A 154 -17.71 -14.72 1.88
N CYS A 155 -17.29 -15.73 2.63
CA CYS A 155 -16.16 -16.57 2.28
C CYS A 155 -16.55 -18.03 2.38
N TYR A 156 -15.72 -18.92 1.83
CA TYR A 156 -15.81 -20.31 2.20
C TYR A 156 -14.46 -20.69 2.77
N VAL A 157 -14.43 -21.71 3.62
CA VAL A 157 -13.19 -22.19 4.21
C VAL A 157 -12.65 -23.34 3.37
N SER A 158 -11.48 -23.13 2.78
CA SER A 158 -10.90 -24.09 1.86
C SER A 158 -10.00 -25.08 2.57
N THR A 159 -10.29 -26.36 2.41
CA THR A 159 -9.45 -27.40 2.99
C THR A 159 -8.72 -28.24 1.96
N GLN A 160 -8.99 -27.98 0.68
CA GLN A 160 -8.51 -28.83 -0.39
C GLN A 160 -8.58 -28.15 -1.76
N LEU A 161 -8.13 -28.84 -2.80
CA LEU A 161 -8.21 -28.33 -4.16
C LEU A 161 -9.64 -28.04 -4.57
N GLU A 162 -9.83 -27.05 -5.43
CA GLU A 162 -11.16 -26.73 -5.95
C GLU A 162 -11.76 -27.92 -6.68
N THR A 163 -10.92 -28.64 -7.42
CA THR A 163 -11.35 -29.82 -8.16
C THR A 163 -11.79 -30.94 -7.22
N ASP A 164 -11.08 -31.09 -6.09
CA ASP A 164 -11.48 -32.03 -5.05
C ASP A 164 -12.82 -31.62 -4.47
N ASP A 165 -12.99 -30.31 -4.32
CA ASP A 165 -14.23 -29.74 -3.84
C ASP A 165 -15.38 -30.22 -4.72
N TYR A 166 -15.25 -30.07 -6.03
CA TYR A 166 -16.33 -30.49 -6.93
C TYR A 166 -16.48 -32.00 -7.04
N ALA A 167 -15.39 -32.74 -6.82
CA ALA A 167 -15.45 -34.20 -6.89
C ALA A 167 -16.25 -34.77 -5.71
N GLY A 168 -16.15 -34.12 -4.56
CA GLY A 168 -16.82 -34.57 -3.35
C GLY A 168 -18.32 -34.37 -3.39
N SER A 169 -18.97 -34.79 -2.30
CA SER A 169 -20.43 -34.71 -2.21
C SER A 169 -20.89 -33.66 -1.20
N SER A 170 -19.93 -33.05 -0.51
CA SER A 170 -20.23 -32.15 0.61
C SER A 170 -19.63 -30.75 0.43
N PRO A 171 -20.49 -29.71 0.48
CA PRO A 171 -20.02 -28.32 0.34
C PRO A 171 -19.09 -27.92 1.47
N PRO A 172 -18.11 -27.05 1.20
CA PRO A 172 -17.22 -26.59 2.27
C PRO A 172 -17.97 -25.67 3.22
N THR A 173 -17.31 -25.30 4.31
CA THR A 173 -17.90 -24.42 5.30
C THR A 173 -18.13 -23.03 4.72
N GLN A 174 -19.36 -22.53 4.84
CA GLN A 174 -19.71 -21.20 4.37
C GLN A 174 -19.64 -20.21 5.54
N LYS A 175 -18.86 -19.14 5.37
CA LYS A 175 -18.69 -18.15 6.44
C LYS A 175 -19.21 -16.77 6.07
N LEU A 176 -19.87 -16.14 7.02
CA LEU A 176 -20.34 -14.76 6.87
C LEU A 176 -19.76 -13.95 8.01
N THR A 177 -19.01 -12.90 7.68
CA THR A 177 -18.39 -12.07 8.70
C THR A 177 -18.80 -10.60 8.57
N LEU A 178 -19.01 -9.97 9.72
CA LEU A 178 -19.55 -8.63 9.83
C LEU A 178 -18.53 -7.75 10.54
N LEU A 179 -18.10 -6.69 9.89
CA LEU A 179 -17.07 -5.84 10.45
C LEU A 179 -17.56 -4.41 10.53
N PHE A 180 -17.65 -3.87 11.74
CA PHE A 180 -18.26 -2.54 11.92
C PHE A 180 -17.25 -1.48 12.34
N TYR A 181 -17.63 -0.22 12.12
CA TYR A 181 -16.79 0.92 12.42
C TYR A 181 -16.41 0.98 13.91
N ASN A 182 -17.29 0.43 14.76
CA ASN A 182 -17.05 0.41 16.19
C ASN A 182 -16.09 -0.72 16.60
N ASP A 183 -15.44 -1.31 15.59
CA ASP A 183 -14.39 -2.32 15.77
C ASP A 183 -14.94 -3.70 16.14
N THR A 184 -16.27 -3.80 16.23
CA THR A 184 -16.91 -5.09 16.44
C THR A 184 -16.77 -5.97 15.20
N VAL A 185 -16.34 -7.20 15.38
CA VAL A 185 -16.31 -8.15 14.28
C VAL A 185 -16.95 -9.47 14.70
N THR A 186 -17.97 -9.88 13.95
CA THR A 186 -18.77 -11.05 14.27
C THR A 186 -18.72 -12.04 13.14
N GLU A 187 -18.45 -13.32 13.40
CA GLU A 187 -18.44 -14.27 12.30
C GLU A 187 -19.33 -15.49 12.56
N ARG A 188 -20.10 -15.86 11.55
CA ARG A 188 -21.04 -16.98 11.64
C ARG A 188 -20.82 -18.00 10.53
N THR A 189 -21.00 -19.27 10.86
CA THR A 189 -21.11 -20.29 9.84
C THR A 189 -22.55 -20.28 9.36
N ILE A 190 -22.78 -20.36 8.06
CA ILE A 190 -24.16 -20.40 7.57
C ILE A 190 -24.42 -21.61 6.69
N SER A 191 -25.66 -22.08 6.71
CA SER A 191 -26.11 -23.14 5.83
C SER A 191 -27.42 -22.71 5.19
N PRO A 192 -27.32 -21.93 4.09
CA PRO A 192 -28.51 -21.33 3.47
C PRO A 192 -29.52 -22.39 3.06
N THR A 193 -30.78 -21.98 3.02
CA THR A 193 -31.85 -22.85 2.57
C THR A 193 -31.58 -23.26 1.14
N GLY A 194 -31.50 -24.57 0.91
CA GLY A 194 -31.32 -25.12 -0.43
C GLY A 194 -29.95 -25.68 -0.72
N LEU A 195 -29.01 -25.50 0.19
CA LEU A 195 -27.63 -25.96 -0.02
C LEU A 195 -27.47 -27.45 0.26
N GLU A 196 -27.91 -27.89 1.43
CA GLU A 196 -27.75 -29.29 1.84
C GLU A 196 -28.47 -30.27 0.92
N GLY A 197 -27.71 -31.23 0.40
CA GLY A 197 -28.27 -32.26 -0.46
C GLY A 197 -28.27 -31.93 -1.94
N ASN A 198 -28.23 -30.65 -2.27
CA ASN A 198 -28.25 -30.23 -3.68
C ASN A 198 -26.90 -29.85 -4.28
N TRP A 199 -25.89 -29.62 -3.45
CA TRP A 199 -24.63 -29.08 -3.94
C TRP A 199 -23.42 -29.90 -3.53
N ALA A 200 -22.47 -30.03 -4.47
CA ALA A 200 -21.17 -30.59 -4.19
C ALA A 200 -20.30 -29.55 -3.50
N THR A 201 -20.29 -28.33 -4.05
CA THR A 201 -19.68 -27.19 -3.38
C THR A 201 -20.42 -25.90 -3.67
N LEU A 202 -20.10 -24.89 -2.87
CA LEU A 202 -20.54 -23.54 -3.15
C LEU A 202 -19.44 -22.63 -2.65
N VAL A 203 -19.13 -21.60 -3.44
CA VAL A 203 -18.18 -20.58 -3.03
C VAL A 203 -18.73 -19.21 -3.41
N PRO A 204 -18.25 -18.15 -2.76
CA PRO A 204 -18.69 -16.81 -3.15
C PRO A 204 -18.12 -16.39 -4.49
N GLY A 205 -18.78 -15.45 -5.16
CA GLY A 205 -18.46 -15.10 -6.53
C GLY A 205 -17.36 -14.06 -6.69
N VAL A 206 -16.70 -13.73 -5.57
CA VAL A 206 -15.55 -12.82 -5.51
C VAL A 206 -15.87 -11.35 -5.77
N GLY A 207 -16.79 -11.07 -6.69
CA GLY A 207 -17.19 -9.70 -6.94
C GLY A 207 -18.04 -9.26 -5.77
N SER A 208 -18.12 -7.95 -5.55
CA SER A 208 -18.87 -7.43 -4.42
C SER A 208 -20.36 -7.78 -4.49
N GLY A 209 -20.99 -7.88 -3.32
CA GLY A 209 -22.42 -8.00 -3.25
C GLY A 209 -23.02 -6.66 -2.90
N ILE A 210 -24.32 -6.61 -2.66
CA ILE A 210 -24.95 -5.34 -2.29
C ILE A 210 -25.90 -5.46 -1.10
N TYR A 211 -26.16 -4.34 -0.47
CA TYR A 211 -27.20 -4.23 0.54
C TYR A 211 -28.29 -3.32 0.02
N PHE A 212 -29.50 -3.85 -0.14
CA PHE A 212 -30.60 -3.03 -0.58
C PHE A 212 -31.93 -3.53 -0.01
N GLU A 213 -32.70 -2.61 0.55
CA GLU A 213 -34.04 -2.90 1.08
C GLU A 213 -34.03 -4.06 2.08
N ASN A 214 -33.19 -3.94 3.09
CA ASN A 214 -33.04 -4.95 4.14
C ASN A 214 -32.62 -6.30 3.59
N LYS A 215 -31.96 -6.29 2.44
CA LYS A 215 -31.48 -7.54 1.87
C LYS A 215 -29.99 -7.46 1.58
N LEU A 216 -29.26 -8.46 2.08
CA LEU A 216 -27.84 -8.57 1.81
C LEU A 216 -27.63 -9.66 0.75
N ILE A 217 -27.16 -9.28 -0.44
CA ILE A 217 -27.09 -10.22 -1.55
C ILE A 217 -25.68 -10.36 -2.14
N PHE A 218 -25.17 -11.60 -2.12
CA PHE A 218 -23.84 -11.91 -2.65
C PHE A 218 -23.95 -12.77 -3.89
N PRO A 219 -23.00 -12.60 -4.82
CA PRO A 219 -22.83 -13.56 -5.92
C PRO A 219 -22.19 -14.85 -5.39
N ALA A 220 -22.58 -15.99 -5.96
CA ALA A 220 -22.00 -17.26 -5.59
C ALA A 220 -22.02 -18.19 -6.78
N TYR A 221 -21.27 -19.28 -6.71
CA TYR A 221 -21.36 -20.34 -7.72
C TYR A 221 -20.83 -21.65 -7.16
N GLY A 222 -21.17 -22.75 -7.82
CA GLY A 222 -20.63 -24.03 -7.38
C GLY A 222 -21.12 -25.20 -8.20
N GLY A 223 -20.92 -26.40 -7.70
CA GLY A 223 -21.40 -27.58 -8.39
C GLY A 223 -22.72 -28.08 -7.85
N VAL A 224 -23.65 -28.37 -8.74
CA VAL A 224 -24.90 -29.01 -8.37
C VAL A 224 -24.79 -30.49 -8.63
N LEU A 225 -25.15 -31.28 -7.62
CA LEU A 225 -25.25 -32.73 -7.76
C LEU A 225 -26.34 -33.02 -8.77
N PRO A 226 -25.96 -33.57 -9.93
CA PRO A 226 -26.90 -33.73 -11.04
C PRO A 226 -28.09 -34.63 -10.70
N ASN A 227 -27.90 -35.53 -9.75
CA ASN A 227 -28.98 -36.42 -9.35
C ASN A 227 -29.82 -35.94 -8.17
N SER A 228 -29.55 -34.72 -7.72
CA SER A 228 -30.31 -34.13 -6.62
C SER A 228 -31.62 -33.55 -7.11
N THR A 229 -32.43 -33.05 -6.19
CA THR A 229 -33.71 -32.42 -6.52
C THR A 229 -33.56 -31.28 -7.51
N LEU A 230 -32.69 -30.34 -7.16
CA LEU A 230 -32.39 -29.17 -7.99
C LEU A 230 -31.74 -29.57 -9.32
N GLY A 231 -30.82 -30.52 -9.25
CA GLY A 231 -30.12 -31.01 -10.42
C GLY A 231 -31.08 -31.60 -11.43
N VAL A 232 -32.11 -32.28 -10.92
CA VAL A 232 -33.10 -32.92 -11.76
C VAL A 232 -34.11 -31.90 -12.29
N LYS A 233 -34.44 -30.90 -11.47
CA LYS A 233 -35.37 -29.87 -11.94
C LYS A 233 -34.75 -28.98 -13.04
N SER A 234 -33.43 -28.81 -13.01
CA SER A 234 -32.76 -27.96 -13.99
C SER A 234 -32.00 -28.71 -15.09
N ALA A 235 -32.24 -30.01 -15.23
CA ALA A 235 -31.48 -30.82 -16.19
C ALA A 235 -31.59 -30.35 -17.63
N ARG A 236 -32.80 -30.00 -18.05
CA ARG A 236 -33.03 -29.49 -19.42
C ARG A 236 -32.46 -28.10 -19.75
N GLU A 237 -32.43 -27.20 -18.76
CA GLU A 237 -32.02 -25.80 -18.98
C GLU A 237 -30.62 -25.52 -19.53
N PHE A 238 -30.55 -24.57 -20.46
CA PHE A 238 -29.29 -24.12 -21.06
C PHE A 238 -29.50 -22.77 -21.73
N PHE A 239 -28.41 -22.04 -21.95
CA PHE A 239 -28.47 -20.75 -22.62
C PHE A 239 -27.39 -20.66 -23.70
N ARG A 240 -27.80 -20.30 -24.92
CA ARG A 240 -26.84 -20.17 -26.02
C ARG A 240 -26.89 -18.78 -26.63
N PRO A 241 -26.05 -17.88 -26.12
CA PRO A 241 -25.99 -16.53 -26.69
C PRO A 241 -25.45 -16.61 -28.10
N VAL A 242 -25.94 -15.76 -28.99
CA VAL A 242 -25.42 -15.74 -30.35
C VAL A 242 -24.94 -14.33 -30.73
N ASN A 243 -23.72 -14.27 -31.25
CA ASN A 243 -23.20 -13.04 -31.85
C ASN A 243 -23.50 -13.05 -33.34
N PRO A 244 -24.48 -12.23 -33.77
CA PRO A 244 -24.93 -12.17 -35.17
C PRO A 244 -23.78 -11.82 -36.11
N TYR A 245 -22.80 -11.09 -35.61
CA TYR A 245 -21.69 -10.60 -36.43
C TYR A 245 -20.55 -11.61 -36.49
N ASN A 246 -20.63 -12.67 -35.70
CA ASN A 246 -19.65 -13.76 -35.74
C ASN A 246 -20.29 -15.08 -35.33
N PRO A 247 -21.15 -15.63 -36.19
CA PRO A 247 -21.95 -16.81 -35.81
C PRO A 247 -21.13 -18.08 -35.69
N CYS A 248 -21.68 -19.06 -34.98
CA CYS A 248 -21.08 -20.38 -34.87
C CYS A 248 -21.73 -21.31 -35.89
N SER A 249 -20.92 -21.96 -36.72
CA SER A 249 -21.46 -22.81 -37.77
C SER A 249 -21.96 -24.13 -37.21
N GLY A 250 -23.10 -24.58 -37.72
CA GLY A 250 -23.69 -25.82 -37.28
C GLY A 250 -25.20 -25.74 -37.25
N PRO A 251 -25.86 -26.89 -37.09
CA PRO A 251 -27.32 -26.92 -36.90
C PRO A 251 -27.66 -26.37 -35.53
N GLN A 252 -28.81 -25.71 -35.39
CA GLN A 252 -29.20 -25.18 -34.09
C GLN A 252 -29.27 -26.25 -33.00
N GLN A 253 -29.76 -27.43 -33.32
CA GLN A 253 -29.92 -28.47 -32.29
C GLN A 253 -28.59 -29.00 -31.79
N ASP A 254 -27.61 -29.11 -32.68
CA ASP A 254 -26.27 -29.55 -32.29
C ASP A 254 -25.59 -28.49 -31.40
N LEU A 255 -25.71 -27.24 -31.82
CA LEU A 255 -25.19 -26.12 -31.04
C LEU A 255 -25.84 -26.07 -29.66
N ASP A 256 -27.14 -26.36 -29.63
CA ASP A 256 -27.93 -26.34 -28.40
C ASP A 256 -27.53 -27.45 -27.45
N GLN A 257 -27.32 -28.64 -27.98
CA GLN A 257 -26.96 -29.76 -27.11
C GLN A 257 -25.51 -29.62 -26.64
N ARG A 258 -24.67 -28.99 -27.45
CA ARG A 258 -23.30 -28.69 -27.04
C ARG A 258 -23.29 -27.64 -25.92
N ALA A 259 -24.16 -26.63 -26.05
CA ALA A 259 -24.31 -25.59 -25.04
C ALA A 259 -24.84 -26.18 -23.74
N LEU A 260 -25.79 -27.09 -23.84
CA LEU A 260 -26.32 -27.77 -22.67
C LEU A 260 -25.23 -28.58 -21.98
N ARG A 261 -24.41 -29.27 -22.77
CA ARG A 261 -23.34 -30.07 -22.17
C ARG A 261 -22.17 -29.26 -21.63
N SER A 262 -22.04 -27.99 -22.05
CA SER A 262 -20.95 -27.15 -21.53
C SER A 262 -21.09 -26.84 -20.04
N TYR A 263 -22.28 -27.11 -19.48
CA TYR A 263 -22.56 -26.85 -18.07
C TYR A 263 -21.99 -27.93 -17.17
N PHE A 264 -21.44 -28.99 -17.77
CA PHE A 264 -20.99 -30.14 -17.01
C PHE A 264 -19.54 -30.51 -17.31
N PRO A 265 -18.61 -29.57 -17.06
CA PRO A 265 -17.21 -29.81 -17.39
C PRO A 265 -16.63 -30.99 -16.61
N SER A 266 -15.82 -31.81 -17.26
CA SER A 266 -15.20 -32.95 -16.59
C SER A 266 -14.14 -32.49 -15.60
N TYR A 267 -13.61 -31.29 -15.81
CA TYR A 267 -12.67 -30.69 -14.87
C TYR A 267 -13.29 -30.58 -13.48
N PHE A 268 -14.58 -30.30 -13.44
CA PHE A 268 -15.33 -30.18 -12.19
C PHE A 268 -16.19 -31.42 -11.90
N SER A 269 -15.83 -32.55 -12.50
CA SER A 269 -16.49 -33.85 -12.30
C SER A 269 -17.91 -33.93 -12.83
N ASN A 270 -18.19 -33.17 -13.88
CA ASN A 270 -19.48 -33.19 -14.56
C ASN A 270 -20.65 -32.84 -13.65
N ARG A 271 -20.38 -32.09 -12.58
CA ARG A 271 -21.47 -31.50 -11.81
C ARG A 271 -22.12 -30.47 -12.69
N ARG A 272 -23.30 -30.01 -12.34
CA ARG A 272 -23.85 -28.90 -13.07
C ARG A 272 -23.28 -27.62 -12.47
N VAL A 273 -22.36 -26.96 -13.16
CA VAL A 273 -21.74 -25.77 -12.58
C VAL A 273 -22.72 -24.59 -12.70
N GLN A 274 -23.06 -24.03 -11.54
CA GLN A 274 -24.23 -23.17 -11.39
C GLN A 274 -23.95 -21.87 -10.62
N SER A 275 -24.37 -20.74 -11.18
CA SER A 275 -24.36 -19.47 -10.46
C SER A 275 -25.55 -19.40 -9.53
N ALA A 276 -25.37 -18.83 -8.35
CA ALA A 276 -26.47 -18.68 -7.41
C ALA A 276 -26.31 -17.37 -6.64
N PHE A 277 -27.34 -16.97 -5.93
CA PHE A 277 -27.28 -15.75 -5.13
C PHE A 277 -27.51 -16.05 -3.67
N LEU A 278 -26.56 -15.65 -2.83
CA LEU A 278 -26.77 -15.77 -1.41
C LEU A 278 -27.54 -14.55 -0.95
N VAL A 279 -28.77 -14.74 -0.49
CA VAL A 279 -29.58 -13.62 -0.03
C VAL A 279 -29.92 -13.77 1.44
N CYS A 280 -29.67 -12.72 2.20
CA CYS A 280 -29.79 -12.74 3.66
C CYS A 280 -30.70 -11.61 4.13
N ALA A 281 -31.56 -11.89 5.09
CA ALA A 281 -32.33 -10.81 5.71
C ALA A 281 -31.40 -10.06 6.66
N TRP A 282 -31.19 -8.78 6.40
CA TRP A 282 -30.29 -7.97 7.22
C TRP A 282 -30.87 -7.78 8.63
N ASN A 283 -32.18 -7.63 8.68
CA ASN A 283 -32.95 -7.58 9.91
C ASN A 283 -32.55 -8.66 10.91
N GLN A 284 -32.45 -9.90 10.42
CA GLN A 284 -32.12 -11.07 11.22
C GLN A 284 -30.71 -11.61 11.01
N ILE A 285 -29.81 -10.76 10.50
CA ILE A 285 -28.49 -11.19 10.03
C ILE A 285 -27.66 -11.96 11.08
N LEU A 286 -28.00 -11.82 12.36
CA LEU A 286 -27.31 -12.54 13.42
C LEU A 286 -27.81 -13.98 13.59
N VAL A 287 -29.07 -14.23 13.23
CA VAL A 287 -29.64 -15.56 13.39
C VAL A 287 -30.00 -16.27 12.08
N THR A 288 -30.19 -15.51 11.00
CA THR A 288 -30.61 -16.10 9.73
C THR A 288 -29.55 -17.02 9.11
N ASN A 289 -30.00 -18.14 8.56
CA ASN A 289 -29.11 -19.07 7.87
C ASN A 289 -28.98 -18.69 6.42
N CYS A 290 -29.81 -17.73 6.01
CA CYS A 290 -29.82 -17.16 4.66
C CYS A 290 -30.53 -18.08 3.68
N GLU A 291 -30.54 -17.67 2.42
CA GLU A 291 -31.25 -18.41 1.39
C GLU A 291 -30.45 -18.42 0.12
N LEU A 292 -30.46 -19.56 -0.57
CA LEU A 292 -29.76 -19.69 -1.83
C LEU A 292 -30.78 -19.59 -2.96
N VAL A 293 -30.70 -18.50 -3.72
CA VAL A 293 -31.63 -18.31 -4.82
C VAL A 293 -30.97 -18.61 -6.15
N VAL A 294 -31.51 -19.60 -6.86
CA VAL A 294 -30.87 -20.13 -8.05
C VAL A 294 -31.64 -19.74 -9.32
N PRO A 295 -30.94 -19.10 -10.27
CA PRO A 295 -31.52 -18.69 -11.55
C PRO A 295 -31.76 -19.86 -12.50
N SER A 296 -32.63 -19.66 -13.48
CA SER A 296 -32.83 -20.65 -14.52
C SER A 296 -31.69 -20.59 -15.52
N ASN A 297 -31.13 -21.74 -15.84
CA ASN A 297 -30.00 -21.78 -16.73
C ASN A 297 -30.41 -21.57 -18.18
N ASN A 298 -31.71 -21.41 -18.40
CA ASN A 298 -32.21 -20.94 -19.67
C ASN A 298 -31.86 -19.47 -19.86
N GLN A 299 -31.61 -18.80 -18.74
CA GLN A 299 -31.33 -17.38 -18.76
C GLN A 299 -29.88 -17.01 -18.49
N THR A 300 -29.06 -17.99 -18.13
CA THR A 300 -27.68 -17.68 -17.74
C THR A 300 -26.69 -18.80 -18.10
N LEU A 301 -25.42 -18.43 -18.30
CA LEU A 301 -24.39 -19.38 -18.69
C LEU A 301 -23.89 -20.19 -17.50
N MET A 302 -22.89 -21.03 -17.75
CA MET A 302 -22.29 -21.87 -16.73
C MET A 302 -21.84 -21.03 -15.53
N GLY A 303 -22.09 -21.54 -14.32
CA GLY A 303 -21.77 -20.83 -13.10
C GLY A 303 -20.34 -20.38 -12.99
N ALA A 304 -20.15 -19.17 -12.48
CA ALA A 304 -18.84 -18.59 -12.39
C ALA A 304 -18.82 -17.45 -11.39
N GLU A 305 -17.62 -16.89 -11.17
CA GLU A 305 -17.47 -15.68 -10.39
C GLU A 305 -18.35 -14.60 -10.95
N GLY A 306 -18.72 -13.64 -10.13
CA GLY A 306 -19.61 -12.60 -10.60
C GLY A 306 -19.68 -11.43 -9.66
N ARG A 307 -20.56 -10.48 -9.96
CA ARG A 307 -20.70 -9.30 -9.14
C ARG A 307 -22.16 -8.83 -9.13
N VAL A 308 -22.66 -8.40 -7.98
CA VAL A 308 -24.00 -7.82 -7.96
C VAL A 308 -23.88 -6.30 -7.84
N LEU A 309 -24.53 -5.59 -8.76
CA LEU A 309 -24.55 -4.14 -8.75
C LEU A 309 -25.95 -3.59 -8.53
N LEU A 310 -26.05 -2.45 -7.86
CA LEU A 310 -27.31 -1.76 -7.73
C LEU A 310 -27.14 -0.33 -8.19
N ILE A 311 -27.68 -0.02 -9.37
CA ILE A 311 -27.53 1.31 -9.94
C ILE A 311 -28.92 1.88 -10.17
N ASN A 312 -29.10 3.15 -9.81
CA ASN A 312 -30.43 3.63 -9.48
C ASN A 312 -30.93 2.65 -8.44
N ASN A 313 -32.13 2.11 -8.61
CA ASN A 313 -32.47 0.93 -7.81
C ASN A 313 -32.61 -0.35 -8.64
N ARG A 314 -32.24 -0.29 -9.92
CA ARG A 314 -32.11 -1.50 -10.75
C ARG A 314 -30.86 -2.36 -10.46
N LEU A 315 -31.11 -3.64 -10.19
CA LEU A 315 -30.06 -4.65 -9.98
C LEU A 315 -29.49 -5.26 -11.25
N LEU A 316 -28.16 -5.44 -11.25
CA LEU A 316 -27.47 -6.13 -12.33
C LEU A 316 -26.52 -7.20 -11.81
N TYR A 317 -26.18 -8.15 -12.66
CA TYR A 317 -25.25 -9.21 -12.31
C TYR A 317 -24.18 -9.35 -13.39
N TYR A 318 -22.93 -9.15 -13.02
CA TYR A 318 -21.82 -9.49 -13.91
C TYR A 318 -21.50 -10.95 -13.73
N GLN A 319 -21.25 -11.63 -14.84
CA GLN A 319 -20.85 -13.04 -14.77
C GLN A 319 -19.53 -13.24 -15.47
N ARG A 320 -18.54 -13.78 -14.78
CA ARG A 320 -17.25 -14.05 -15.41
C ARG A 320 -17.43 -15.06 -16.54
N SER A 321 -16.72 -14.87 -17.65
CA SER A 321 -16.86 -15.80 -18.76
C SER A 321 -15.87 -16.93 -18.58
N THR A 322 -16.27 -17.90 -17.77
CA THR A 322 -15.48 -19.09 -17.49
C THR A 322 -15.79 -20.16 -18.54
N SER A 323 -17.01 -20.10 -19.06
CA SER A 323 -17.45 -21.05 -20.07
C SER A 323 -17.01 -20.58 -21.46
N TRP A 324 -17.67 -21.09 -22.49
CA TRP A 324 -17.24 -20.94 -23.88
C TRP A 324 -17.48 -19.55 -24.49
N TRP A 325 -18.48 -18.83 -24.01
CA TRP A 325 -18.82 -17.50 -24.53
C TRP A 325 -17.83 -16.46 -24.00
N PRO A 326 -17.00 -15.91 -24.90
CA PRO A 326 -15.87 -15.03 -24.59
C PRO A 326 -16.20 -13.55 -24.34
N TYR A 327 -17.44 -13.13 -24.60
CA TYR A 327 -17.77 -11.72 -24.49
C TYR A 327 -18.26 -11.38 -23.09
N GLU A 328 -18.46 -10.08 -22.85
CA GLU A 328 -18.75 -9.57 -21.51
C GLU A 328 -20.19 -9.86 -21.10
N LEU A 329 -20.37 -10.54 -19.98
CA LEU A 329 -21.69 -10.94 -19.54
C LEU A 329 -22.24 -10.05 -18.43
N LEU A 330 -23.33 -9.35 -18.75
CA LEU A 330 -24.00 -8.47 -17.81
C LEU A 330 -25.51 -8.67 -17.94
N TYR A 331 -26.16 -9.00 -16.83
CA TYR A 331 -27.59 -9.26 -16.84
C TYR A 331 -28.35 -8.24 -16.02
N GLU A 332 -29.51 -7.82 -16.51
CA GLU A 332 -30.45 -7.10 -15.66
C GLU A 332 -31.22 -8.14 -14.87
N ILE A 333 -31.28 -8.00 -13.54
CA ILE A 333 -31.93 -9.02 -12.74
C ILE A 333 -32.99 -8.46 -11.81
N SER A 334 -33.92 -9.31 -11.40
CA SER A 334 -34.92 -8.92 -10.40
C SER A 334 -35.42 -10.13 -9.61
N PHE A 335 -35.73 -9.90 -8.35
CA PHE A 335 -36.08 -10.99 -7.45
C PHE A 335 -37.56 -10.97 -7.09
N THR A 336 -38.08 -12.17 -6.79
CA THR A 336 -39.36 -12.30 -6.13
C THR A 336 -39.13 -13.04 -4.83
N PHE A 337 -39.30 -12.36 -3.72
CA PHE A 337 -39.16 -13.02 -2.42
C PHE A 337 -40.54 -13.46 -2.01
N THR A 338 -40.80 -14.76 -2.07
CA THR A 338 -42.17 -15.23 -2.00
C THR A 338 -42.56 -15.41 -0.55
N ASN A 339 -43.19 -14.38 0.01
CA ASN A 339 -43.73 -14.40 1.37
C ASN A 339 -42.73 -14.97 2.38
N SER A 340 -41.45 -14.71 2.14
CA SER A 340 -40.33 -15.28 2.89
C SER A 340 -40.27 -16.81 2.79
N GLY A 341 -40.82 -17.33 1.69
CA GLY A 341 -40.75 -18.74 1.37
C GLY A 341 -39.52 -18.99 0.52
N GLN A 342 -39.68 -19.74 -0.57
CA GLN A 342 -38.58 -19.94 -1.51
C GLN A 342 -38.60 -18.92 -2.64
N SER A 343 -37.59 -18.06 -2.65
CA SER A 343 -37.50 -16.93 -3.55
C SER A 343 -37.07 -17.34 -4.95
N SER A 344 -37.27 -16.46 -5.91
CA SER A 344 -36.86 -16.70 -7.29
C SER A 344 -36.14 -15.47 -7.82
N VAL A 345 -35.37 -15.68 -8.88
CA VAL A 345 -34.72 -14.57 -9.57
C VAL A 345 -34.90 -14.72 -11.08
N ASN A 346 -35.15 -13.60 -11.73
CA ASN A 346 -35.31 -13.54 -13.17
C ASN A 346 -34.16 -12.72 -13.72
N MET A 347 -33.49 -13.21 -14.75
CA MET A 347 -32.45 -12.40 -15.36
C MET A 347 -32.57 -12.31 -16.86
N SER A 348 -32.07 -11.21 -17.38
CA SER A 348 -32.18 -10.88 -18.78
C SER A 348 -30.82 -10.39 -19.28
N TRP A 349 -30.21 -11.21 -20.15
CA TRP A 349 -28.92 -10.90 -20.76
C TRP A 349 -28.91 -9.62 -21.58
N ILE A 350 -27.96 -8.73 -21.30
CA ILE A 350 -27.71 -7.57 -22.15
C ILE A 350 -26.83 -7.99 -23.32
N PRO A 351 -27.32 -7.79 -24.56
CA PRO A 351 -26.66 -8.31 -25.76
C PRO A 351 -25.34 -7.61 -26.07
N ILE A 352 -24.30 -8.01 -25.35
CA ILE A 352 -22.97 -7.44 -25.53
C ILE A 352 -22.03 -8.42 -26.23
N TYR A 353 -21.48 -8.00 -27.36
CA TYR A 353 -20.35 -8.69 -27.95
C TYR A 353 -19.42 -7.68 -28.58
N SER A 354 -18.40 -7.27 -27.85
CA SER A 354 -17.43 -6.33 -28.38
C SER A 354 -16.04 -6.91 -28.17
N PHE A 355 -15.48 -6.74 -26.96
CA PHE A 355 -14.15 -7.29 -26.74
C PHE A 355 -14.28 -8.69 -26.16
N THR A 356 -13.16 -9.38 -26.10
CA THR A 356 -13.15 -10.78 -25.78
C THR A 356 -12.13 -11.00 -24.66
N ARG A 357 -12.39 -11.95 -23.77
CA ARG A 357 -11.47 -12.22 -22.67
C ARG A 357 -10.50 -13.34 -23.04
N PRO A 358 -9.27 -13.29 -22.51
CA PRO A 358 -8.30 -14.35 -22.81
C PRO A 358 -8.67 -15.68 -22.18
N GLY A 359 -8.33 -16.76 -22.86
CA GLY A 359 -8.59 -18.10 -22.36
C GLY A 359 -7.58 -19.07 -22.93
N SER A 360 -7.65 -20.32 -22.48
CA SER A 360 -6.69 -21.33 -22.90
C SER A 360 -7.35 -22.37 -23.79
N GLY A 361 -6.56 -22.96 -24.68
CA GLY A 361 -7.01 -24.09 -25.48
C GLY A 361 -8.14 -23.78 -26.45
N ASN A 362 -9.23 -24.52 -26.33
CA ASN A 362 -10.39 -24.29 -27.19
C ASN A 362 -11.38 -23.35 -26.52
N CYS A 363 -10.98 -22.80 -25.37
CA CYS A 363 -11.75 -21.80 -24.67
C CYS A 363 -11.18 -20.38 -24.77
N SER A 364 -10.29 -20.17 -25.74
CA SER A 364 -9.62 -18.88 -25.86
C SER A 364 -10.58 -17.76 -26.29
N GLY A 365 -10.06 -16.55 -26.39
CA GLY A 365 -10.86 -15.40 -26.76
C GLY A 365 -11.38 -15.46 -28.18
N GLU A 366 -10.81 -16.36 -28.99
CA GLU A 366 -11.23 -16.51 -30.38
C GLU A 366 -12.35 -17.53 -30.57
N ASN A 367 -12.56 -18.39 -29.57
CA ASN A 367 -13.66 -19.35 -29.65
C ASN A 367 -14.99 -18.72 -29.29
N VAL A 368 -15.95 -18.81 -30.22
CA VAL A 368 -17.28 -18.27 -29.99
C VAL A 368 -18.34 -19.40 -29.89
N CYS A 369 -17.89 -20.65 -29.89
CA CYS A 369 -18.81 -21.79 -30.03
C CYS A 369 -18.91 -22.65 -28.77
N PRO A 370 -20.10 -23.23 -28.54
CA PRO A 370 -20.39 -24.05 -27.35
C PRO A 370 -19.38 -25.18 -27.12
N THR A 371 -18.76 -25.17 -25.95
CA THR A 371 -17.75 -26.15 -25.57
C THR A 371 -17.67 -26.21 -24.05
N ALA A 372 -17.38 -27.37 -23.49
CA ALA A 372 -17.15 -27.47 -22.05
C ALA A 372 -15.86 -26.74 -21.72
N CYS A 373 -15.98 -25.68 -20.94
CA CYS A 373 -14.84 -24.83 -20.62
C CYS A 373 -14.78 -24.52 -19.13
N VAL A 374 -13.57 -24.54 -18.58
CA VAL A 374 -13.32 -23.81 -17.34
C VAL A 374 -12.08 -22.95 -17.60
N SER A 375 -12.31 -21.67 -17.86
CA SER A 375 -11.27 -20.79 -18.38
C SER A 375 -11.58 -19.34 -18.05
N GLY A 376 -11.02 -18.43 -18.84
CA GLY A 376 -11.37 -17.03 -18.73
C GLY A 376 -10.73 -16.36 -17.54
N VAL A 377 -11.24 -15.20 -17.17
CA VAL A 377 -10.66 -14.39 -16.11
C VAL A 377 -11.73 -13.40 -15.65
N TYR A 378 -11.63 -12.92 -14.41
CA TYR A 378 -12.58 -11.96 -13.87
C TYR A 378 -12.24 -10.56 -14.37
N LEU A 379 -13.13 -9.99 -15.17
CA LEU A 379 -13.00 -8.61 -15.61
C LEU A 379 -14.38 -7.97 -15.60
N ASP A 380 -14.76 -7.21 -14.57
CA ASP A 380 -16.14 -6.74 -14.53
C ASP A 380 -16.29 -5.35 -15.15
N PRO A 381 -17.47 -5.07 -15.71
CA PRO A 381 -17.85 -3.78 -16.29
C PRO A 381 -18.56 -2.83 -15.32
N TRP A 382 -18.39 -1.54 -15.50
CA TRP A 382 -19.31 -0.58 -14.87
C TRP A 382 -20.16 0.07 -15.95
N PRO A 383 -21.49 -0.14 -15.90
CA PRO A 383 -22.40 0.44 -16.89
C PRO A 383 -22.61 1.93 -16.66
N LEU A 384 -22.34 2.72 -17.70
CA LEU A 384 -22.52 4.16 -17.64
C LEU A 384 -23.95 4.57 -17.98
N THR A 385 -24.69 3.65 -18.58
CA THR A 385 -26.03 3.94 -19.07
C THR A 385 -27.01 2.88 -18.64
N PRO A 386 -28.28 3.24 -18.51
CA PRO A 386 -29.27 2.17 -18.36
C PRO A 386 -29.36 1.40 -19.65
N TYR A 387 -29.76 0.13 -19.59
CA TYR A 387 -30.06 -0.59 -20.83
C TYR A 387 -31.56 -0.50 -21.06
N SER A 388 -32.32 -1.27 -20.29
CA SER A 388 -33.76 -1.16 -20.39
C SER A 388 -34.23 -0.13 -19.38
N HIS A 389 -35.12 0.75 -19.82
CA HIS A 389 -35.73 1.74 -18.96
C HIS A 389 -37.24 1.70 -19.14
N GLN A 390 -37.93 2.63 -18.49
CA GLN A 390 -39.39 2.68 -18.56
C GLN A 390 -39.87 2.95 -19.99
N SER A 391 -39.21 3.89 -20.64
CA SER A 391 -39.54 4.27 -22.02
C SER A 391 -39.27 3.17 -23.05
N GLY A 392 -38.17 2.44 -22.88
CA GLY A 392 -37.78 1.43 -23.85
C GLY A 392 -36.40 0.82 -23.58
N ILE A 393 -35.73 0.39 -24.64
CA ILE A 393 -34.39 -0.19 -24.51
C ILE A 393 -33.36 0.75 -25.15
N ASN A 394 -32.24 0.97 -24.47
CA ASN A 394 -31.20 1.86 -24.95
C ASN A 394 -30.12 1.12 -25.73
N ARG A 395 -30.15 1.26 -27.06
CA ARG A 395 -29.15 0.65 -27.93
C ARG A 395 -27.81 1.37 -27.83
N ASN A 396 -27.84 2.57 -27.28
CA ASN A 396 -26.65 3.39 -27.08
C ASN A 396 -25.99 3.13 -25.74
N PHE A 397 -26.20 1.92 -25.22
CA PHE A 397 -25.60 1.45 -23.97
C PHE A 397 -24.08 1.58 -23.96
N TYR A 398 -23.52 2.06 -22.85
CA TYR A 398 -22.06 2.18 -22.72
C TYR A 398 -21.59 1.63 -21.38
N PHE A 399 -20.43 0.99 -21.38
CA PHE A 399 -19.84 0.52 -20.12
C PHE A 399 -18.33 0.63 -20.18
N THR A 400 -17.69 0.71 -19.01
CA THR A 400 -16.26 0.91 -18.96
C THR A 400 -15.58 -0.11 -18.05
N GLY A 401 -14.29 -0.33 -18.25
CA GLY A 401 -13.58 -1.28 -17.40
C GLY A 401 -12.15 -1.45 -17.79
N ALA A 402 -11.54 -2.55 -17.34
CA ALA A 402 -10.19 -2.90 -17.77
C ALA A 402 -10.21 -4.30 -18.37
N LEU A 403 -9.69 -4.41 -19.59
CA LEU A 403 -9.66 -5.68 -20.28
C LEU A 403 -8.22 -6.14 -20.38
N LEU A 404 -8.02 -7.37 -20.85
CA LEU A 404 -6.67 -7.87 -21.07
C LEU A 404 -6.51 -8.07 -22.57
N ASN A 405 -5.58 -7.33 -23.17
CA ASN A 405 -5.47 -7.37 -24.61
C ASN A 405 -4.64 -8.56 -25.05
N SER A 406 -5.35 -9.69 -25.20
CA SER A 406 -4.82 -10.96 -25.64
C SER A 406 -5.97 -11.94 -25.66
N SER A 407 -5.89 -12.95 -26.53
CA SER A 407 -6.95 -13.94 -26.60
C SER A 407 -6.55 -15.23 -25.89
N THR A 408 -5.32 -15.26 -25.39
CA THR A 408 -4.74 -16.47 -24.78
C THR A 408 -4.18 -16.18 -23.40
N THR A 409 -3.48 -15.05 -23.27
CA THR A 409 -2.63 -14.77 -22.11
C THR A 409 -3.19 -13.65 -21.23
N ARG A 410 -2.95 -13.72 -19.93
CA ARG A 410 -3.37 -12.65 -19.03
C ARG A 410 -2.29 -11.59 -19.01
N VAL A 411 -2.43 -10.61 -19.89
CA VAL A 411 -1.35 -9.68 -20.17
C VAL A 411 -1.96 -8.42 -20.80
N ASN A 412 -1.22 -7.32 -20.78
CA ASN A 412 -1.66 -6.07 -21.40
C ASN A 412 -2.97 -5.52 -20.86
N PRO A 413 -2.99 -5.06 -19.60
CA PRO A 413 -4.20 -4.42 -19.07
C PRO A 413 -4.53 -3.14 -19.82
N THR A 414 -5.80 -2.97 -20.19
CA THR A 414 -6.20 -1.87 -21.03
C THR A 414 -7.51 -1.27 -20.55
N LEU A 415 -7.48 0.00 -20.18
CA LEU A 415 -8.68 0.72 -19.79
C LEU A 415 -9.54 0.88 -21.04
N TYR A 416 -10.85 0.74 -20.91
CA TYR A 416 -11.69 0.84 -22.09
C TYR A 416 -13.04 1.43 -21.77
N VAL A 417 -13.63 2.06 -22.79
CA VAL A 417 -15.07 2.26 -22.85
C VAL A 417 -15.58 1.53 -24.08
N SER A 418 -16.68 0.82 -23.89
CA SER A 418 -17.26 -0.06 -24.89
C SER A 418 -18.75 0.22 -25.10
N ALA A 419 -19.16 0.12 -26.36
CA ALA A 419 -20.57 0.05 -26.72
C ALA A 419 -20.98 -1.43 -26.74
N LEU A 420 -22.18 -1.73 -27.22
CA LEU A 420 -22.63 -3.12 -27.28
C LEU A 420 -21.84 -3.92 -28.34
N ASN A 421 -21.58 -3.29 -29.48
CA ASN A 421 -20.92 -3.95 -30.61
C ASN A 421 -19.45 -3.59 -30.82
N ASN A 422 -19.00 -2.51 -30.20
CA ASN A 422 -17.65 -2.02 -30.48
C ASN A 422 -17.04 -1.20 -29.36
N LEU A 423 -15.72 -1.13 -29.36
CA LEU A 423 -14.99 -0.34 -28.37
C LEU A 423 -14.98 1.13 -28.73
N LYS A 424 -15.37 1.98 -27.78
CA LYS A 424 -15.39 3.40 -28.02
C LYS A 424 -14.02 4.03 -27.75
N VAL A 425 -13.32 3.58 -26.72
CA VAL A 425 -11.98 4.11 -26.49
C VAL A 425 -11.09 3.15 -25.68
N LEU A 426 -9.78 3.22 -25.92
CA LEU A 426 -8.80 2.34 -25.29
C LEU A 426 -7.60 3.11 -24.75
N ALA A 427 -7.16 2.73 -23.56
CA ALA A 427 -6.01 3.34 -22.88
C ALA A 427 -5.21 2.29 -22.13
N PRO A 428 -4.15 1.74 -22.76
CA PRO A 428 -3.30 0.75 -22.10
C PRO A 428 -2.73 1.23 -20.77
N TYR A 429 -2.69 0.36 -19.77
CA TYR A 429 -1.89 0.65 -18.59
C TYR A 429 -0.56 -0.09 -18.71
N GLY A 430 0.53 0.66 -18.63
CA GLY A 430 1.86 0.09 -18.72
C GLY A 430 2.25 -0.26 -20.14
N ASN A 431 3.37 -0.98 -20.28
CA ASN A 431 3.87 -1.30 -21.59
C ASN A 431 3.30 -2.61 -22.08
N GLN A 432 3.60 -2.94 -23.33
CA GLN A 432 3.24 -4.24 -23.86
C GLN A 432 4.01 -5.30 -23.11
N GLY A 433 3.32 -6.39 -22.77
CA GLY A 433 3.98 -7.49 -22.10
C GLY A 433 3.82 -7.46 -20.60
N LEU A 434 3.16 -6.42 -20.09
CA LEU A 434 2.86 -6.35 -18.66
C LEU A 434 1.75 -7.33 -18.29
N PHE A 435 2.07 -8.26 -17.41
CA PHE A 435 1.11 -9.26 -16.97
C PHE A 435 0.12 -8.69 -15.97
N ALA A 436 -1.16 -9.02 -16.17
CA ALA A 436 -2.21 -8.57 -15.29
C ALA A 436 -3.33 -9.60 -15.30
N SER A 437 -4.12 -9.65 -14.24
CA SER A 437 -5.20 -10.64 -14.16
C SER A 437 -6.55 -10.01 -13.86
N TYR A 438 -7.10 -10.29 -12.68
CA TYR A 438 -8.42 -9.77 -12.30
C TYR A 438 -8.51 -8.26 -12.34
N THR A 439 -9.66 -7.74 -12.78
CA THR A 439 -9.92 -6.31 -12.76
C THR A 439 -11.36 -6.05 -12.32
N THR A 440 -11.54 -5.03 -11.50
CA THR A 440 -12.88 -4.63 -11.08
C THR A 440 -12.96 -3.10 -11.11
N THR A 441 -14.02 -2.59 -11.73
CA THR A 441 -14.16 -1.16 -11.98
C THR A 441 -15.40 -0.58 -11.33
N THR A 442 -15.26 0.62 -10.76
CA THR A 442 -16.39 1.34 -10.20
C THR A 442 -16.34 2.81 -10.61
N CYS A 443 -17.47 3.35 -11.08
CA CYS A 443 -17.51 4.78 -11.41
C CYS A 443 -18.49 5.55 -10.52
N PHE A 444 -18.19 6.81 -10.29
CA PHE A 444 -19.02 7.67 -9.47
C PHE A 444 -18.87 9.10 -9.95
N GLN A 445 -19.82 9.96 -9.62
CA GLN A 445 -19.76 11.32 -10.09
C GLN A 445 -19.62 12.33 -8.96
N ASP A 446 -18.74 13.31 -9.17
CA ASP A 446 -18.62 14.47 -8.31
C ASP A 446 -19.76 15.42 -8.69
N THR A 447 -20.74 15.62 -7.81
CA THR A 447 -21.88 16.45 -8.20
C THR A 447 -21.55 17.93 -8.05
N GLY A 448 -20.45 18.24 -7.38
CA GLY A 448 -20.01 19.62 -7.26
C GLY A 448 -19.46 20.21 -8.55
N ASP A 449 -18.51 19.52 -9.17
CA ASP A 449 -17.96 19.98 -10.44
C ASP A 449 -18.35 19.12 -11.65
N ALA A 450 -19.20 18.12 -11.43
CA ALA A 450 -19.72 17.20 -12.46
C ALA A 450 -18.69 16.20 -13.02
N SER A 451 -17.48 16.20 -12.47
CA SER A 451 -16.45 15.25 -12.87
C SER A 451 -16.92 13.80 -12.71
N VAL A 452 -16.62 12.97 -13.70
CA VAL A 452 -16.93 11.55 -13.62
C VAL A 452 -15.65 10.80 -13.34
N TYR A 453 -15.60 10.07 -12.23
CA TYR A 453 -14.41 9.30 -11.90
C TYR A 453 -14.64 7.81 -12.03
N CYS A 454 -13.63 7.12 -12.56
CA CYS A 454 -13.66 5.67 -12.61
C CYS A 454 -12.42 5.13 -11.95
N VAL A 455 -12.59 4.15 -11.08
CA VAL A 455 -11.45 3.50 -10.47
C VAL A 455 -11.38 2.09 -11.03
N TYR A 456 -10.22 1.79 -11.62
CA TYR A 456 -9.92 0.48 -12.19
C TYR A 456 -8.94 -0.22 -11.27
N ILE A 457 -9.46 -1.20 -10.55
CA ILE A 457 -8.64 -1.94 -9.61
C ILE A 457 -8.16 -3.20 -10.31
N MET A 458 -6.86 -3.30 -10.55
CA MET A 458 -6.38 -4.45 -11.29
C MET A 458 -5.16 -5.12 -10.69
N GLU A 459 -5.15 -6.44 -10.78
CA GLU A 459 -4.00 -7.23 -10.38
C GLU A 459 -2.92 -7.05 -11.42
N LEU A 460 -1.81 -6.42 -11.05
CA LEU A 460 -0.73 -6.15 -11.99
C LEU A 460 0.54 -6.83 -11.52
N ALA A 461 1.36 -7.35 -12.42
CA ALA A 461 2.60 -7.99 -11.99
C ALA A 461 3.65 -6.93 -11.67
N SER A 462 4.18 -6.98 -10.45
CA SER A 462 5.20 -6.03 -10.02
C SER A 462 6.59 -6.68 -9.96
N ASN A 463 7.61 -5.93 -10.39
CA ASN A 463 8.99 -6.40 -10.37
C ASN A 463 9.53 -6.73 -8.98
N ILE A 464 8.92 -6.18 -7.93
CA ILE A 464 9.54 -6.19 -6.60
C ILE A 464 8.69 -6.83 -5.50
N VAL A 465 7.37 -6.79 -5.63
CA VAL A 465 6.55 -7.42 -4.61
C VAL A 465 5.87 -8.65 -5.18
N GLY A 466 5.34 -9.46 -4.28
CA GLY A 466 4.66 -10.68 -4.64
C GLY A 466 3.65 -10.54 -5.76
N GLU A 467 3.46 -11.64 -6.50
CA GLU A 467 2.53 -11.70 -7.63
C GLU A 467 1.30 -10.86 -7.46
N PHE A 468 1.23 -9.83 -8.30
CA PHE A 468 0.10 -8.92 -8.45
C PHE A 468 -0.04 -7.90 -7.35
N GLN A 469 0.61 -6.76 -7.55
CA GLN A 469 0.29 -5.60 -6.78
C GLN A 469 -1.10 -5.24 -7.30
N ILE A 470 -2.08 -5.17 -6.40
CA ILE A 470 -3.41 -4.79 -6.81
C ILE A 470 -3.50 -3.27 -6.78
N LEU A 471 -3.70 -2.66 -7.94
CA LEU A 471 -3.56 -1.22 -8.09
C LEU A 471 -4.91 -0.57 -8.37
N PRO A 472 -5.35 0.35 -7.49
CA PRO A 472 -6.53 1.15 -7.77
C PRO A 472 -6.19 2.39 -8.60
N VAL A 473 -6.35 2.35 -9.92
CA VAL A 473 -6.00 3.55 -10.69
C VAL A 473 -7.27 4.37 -10.95
N LEU A 474 -7.22 5.62 -10.50
CA LEU A 474 -8.35 6.53 -10.59
C LEU A 474 -8.17 7.44 -11.78
N THR A 475 -9.23 7.56 -12.59
CA THR A 475 -9.15 8.28 -13.85
C THR A 475 -10.36 9.21 -13.91
N ARG A 476 -10.21 10.33 -14.60
CA ARG A 476 -11.34 11.17 -14.91
C ARG A 476 -11.82 10.81 -16.31
N LEU A 477 -13.12 10.58 -16.45
CA LEU A 477 -13.71 10.16 -17.71
C LEU A 477 -14.39 11.35 -18.40
N THR A 478 -13.97 11.63 -19.63
CA THR A 478 -14.54 12.74 -20.39
C THR A 478 -15.55 12.22 -21.41
N ILE A 479 -16.77 12.73 -21.33
CA ILE A 479 -17.85 12.27 -22.18
C ILE A 479 -18.39 13.37 -23.10
N THR A 480 -18.44 13.09 -24.40
CA THR A 480 -18.96 14.03 -25.37
C THR A 480 -20.06 13.39 -26.21
N PRO B 31 -7.73 0.82 21.33
CA PRO B 31 -6.65 1.50 22.06
C PRO B 31 -5.37 1.57 21.25
N LEU B 32 -4.65 2.68 21.39
CA LEU B 32 -3.42 2.86 20.64
C LEU B 32 -2.30 2.23 21.46
N VAL B 33 -2.13 0.92 21.33
CA VAL B 33 -1.05 0.27 22.04
C VAL B 33 -0.61 -1.01 21.34
N ASN B 34 0.69 -1.21 21.23
CA ASN B 34 1.24 -2.41 20.66
C ASN B 34 0.84 -3.66 21.44
N ASP B 35 0.86 -4.81 20.76
CA ASP B 35 0.80 -6.10 21.42
C ASP B 35 1.81 -6.10 22.56
N LEU B 36 1.41 -6.66 23.70
CA LEU B 36 2.22 -6.63 24.92
C LEU B 36 3.60 -7.29 24.77
N ARG B 37 3.70 -8.29 23.92
CA ARG B 37 4.98 -8.99 23.71
C ARG B 37 6.08 -8.08 23.17
N PHE B 38 5.73 -7.03 22.42
CA PHE B 38 6.74 -6.11 21.89
C PHE B 38 7.04 -4.85 22.71
N ILE B 39 6.25 -4.55 23.72
CA ILE B 39 6.43 -3.29 24.46
C ILE B 39 7.73 -3.21 25.25
N ASN B 40 8.23 -4.35 25.71
CA ASN B 40 9.48 -4.36 26.43
C ASN B 40 10.64 -4.76 25.54
N GLY B 41 10.33 -4.98 24.26
CA GLY B 41 11.34 -5.31 23.26
C GLY B 41 11.61 -4.19 22.26
N ILE B 42 11.13 -2.99 22.57
CA ILE B 42 11.28 -1.85 21.67
C ILE B 42 12.25 -0.83 22.25
N ASN B 43 13.12 -0.27 21.40
CA ASN B 43 14.17 0.67 21.81
C ASN B 43 15.12 0.09 22.84
N LYS B 44 15.52 -1.16 22.64
CA LYS B 44 16.44 -1.82 23.55
C LYS B 44 17.68 -2.24 22.81
N PHE B 45 18.80 -2.32 23.51
CA PHE B 45 19.93 -3.03 22.96
C PHE B 45 19.62 -4.49 23.15
N ILE B 46 19.44 -5.21 22.04
CA ILE B 46 19.00 -6.59 22.11
C ILE B 46 20.17 -7.54 22.36
N ILE B 47 21.39 -7.08 22.08
CA ILE B 47 22.60 -7.82 22.44
C ILE B 47 23.42 -7.00 23.44
N GLU B 48 23.33 -7.37 24.71
CA GLU B 48 24.13 -6.73 25.75
C GLU B 48 25.33 -7.58 26.10
N ASP B 49 25.62 -8.55 25.25
CA ASP B 49 26.64 -9.55 25.49
C ASP B 49 28.07 -9.01 25.58
N TYR B 50 28.36 -8.03 24.72
CA TYR B 50 29.72 -7.54 24.49
C TYR B 50 30.58 -8.60 23.84
N ALA B 51 30.00 -9.76 23.56
CA ALA B 51 30.74 -10.87 22.95
C ALA B 51 30.58 -10.86 21.44
N THR B 52 31.37 -11.71 20.78
CA THR B 52 31.28 -11.84 19.33
C THR B 52 30.05 -12.64 18.95
N HIS B 53 29.47 -12.33 17.78
CA HIS B 53 28.27 -13.03 17.35
C HIS B 53 28.26 -13.24 15.84
N ASP B 54 27.55 -14.27 15.41
CA ASP B 54 27.30 -14.49 14.00
C ASP B 54 25.83 -14.24 13.70
N PHE B 55 25.53 -13.85 12.47
CA PHE B 55 24.18 -13.44 12.12
C PHE B 55 23.66 -14.08 10.85
N SER B 56 22.37 -14.32 10.83
CA SER B 56 21.70 -14.71 9.59
C SER B 56 20.44 -13.87 9.42
N ILE B 57 20.28 -13.25 8.27
CA ILE B 57 19.10 -12.43 8.02
C ILE B 57 18.03 -13.27 7.32
N GLY B 58 16.88 -13.42 7.96
CA GLY B 58 15.81 -14.23 7.41
C GLY B 58 15.20 -13.66 6.14
N HIS B 59 14.39 -14.47 5.48
CA HIS B 59 13.68 -14.06 4.27
C HIS B 59 12.57 -13.09 4.64
N PRO B 60 12.19 -12.21 3.70
CA PRO B 60 11.08 -11.27 3.93
C PRO B 60 9.80 -11.99 4.38
N LEU B 61 9.18 -11.47 5.43
CA LEU B 61 7.93 -12.03 5.95
C LEU B 61 6.74 -11.28 5.36
N ASN B 62 5.84 -12.00 4.69
CA ASN B 62 4.77 -11.33 3.96
C ASN B 62 3.61 -10.89 4.85
N MET B 63 3.18 -9.66 4.63
CA MET B 63 2.06 -9.06 5.33
C MET B 63 1.52 -7.94 4.43
N PRO B 64 0.34 -7.40 4.76
CA PRO B 64 -0.09 -6.19 4.03
C PRO B 64 0.82 -5.02 4.37
N SER B 65 1.38 -4.38 3.35
CA SER B 65 2.27 -3.25 3.57
C SER B 65 1.51 -2.10 4.20
N PHE B 66 2.08 -1.50 5.23
CA PHE B 66 1.45 -0.34 5.86
C PHE B 66 1.84 0.95 5.13
N ILE B 67 2.71 0.83 4.15
CA ILE B 67 3.16 1.99 3.40
C ILE B 67 2.52 2.00 2.02
N PRO B 68 1.66 3.00 1.78
CA PRO B 68 0.92 3.08 0.52
C PRO B 68 1.83 3.44 -0.63
N THR B 69 1.49 2.90 -1.80
CA THR B 69 2.26 3.08 -3.01
C THR B 69 1.62 4.21 -3.82
N ALA B 70 2.27 4.66 -4.89
CA ALA B 70 1.63 5.59 -5.80
C ALA B 70 0.53 4.88 -6.59
N THR B 71 -0.44 5.62 -7.13
CA THR B 71 -1.45 5.01 -7.97
C THR B 71 -1.23 5.30 -9.46
N SER B 72 -0.08 5.87 -9.79
CA SER B 72 0.19 6.24 -11.17
C SER B 72 1.61 5.83 -11.53
N PRO B 73 1.84 5.53 -12.81
CA PRO B 73 3.15 5.01 -13.24
C PRO B 73 4.31 5.99 -13.07
N ASN B 74 4.07 7.28 -13.30
CA ASN B 74 5.12 8.28 -13.18
C ASN B 74 4.99 9.26 -11.99
N GLY B 75 4.08 9.00 -11.07
CA GLY B 75 3.89 9.85 -9.90
C GLY B 75 4.87 9.61 -8.76
N CYS B 76 5.24 10.65 -8.04
CA CYS B 76 6.34 10.54 -7.08
C CYS B 76 5.89 10.17 -5.66
N THR B 77 6.62 9.22 -5.08
CA THR B 77 6.51 8.95 -3.64
C THR B 77 7.89 8.75 -3.02
N ARG B 78 8.25 9.60 -2.07
CA ARG B 78 9.62 9.59 -1.56
C ARG B 78 9.75 10.02 -0.11
N ILE B 79 10.98 9.92 0.40
CA ILE B 79 11.39 10.49 1.70
C ILE B 79 10.65 9.90 2.91
N PRO B 80 10.88 8.61 3.21
CA PRO B 80 10.20 8.00 4.37
C PRO B 80 10.78 8.45 5.70
N SER B 81 9.91 8.53 6.70
CA SER B 81 10.29 8.79 8.08
C SER B 81 9.48 7.88 8.98
N PHE B 82 10.14 7.08 9.81
CA PHE B 82 9.46 6.07 10.61
C PHE B 82 9.98 6.04 12.04
N SER B 83 9.06 6.04 13.00
CA SER B 83 9.43 5.87 14.41
C SER B 83 8.55 4.81 15.09
N LEU B 84 9.17 3.80 15.67
CA LEU B 84 8.45 2.82 16.47
C LEU B 84 8.62 3.09 17.96
N GLY B 85 7.55 3.52 18.62
CA GLY B 85 7.57 3.76 20.04
C GLY B 85 7.09 2.52 20.77
N LYS B 86 7.20 2.54 22.10
CA LYS B 86 6.79 1.43 22.95
C LYS B 86 5.33 1.03 22.72
N THR B 87 4.46 2.04 22.64
CA THR B 87 3.02 1.81 22.47
C THR B 87 2.50 1.87 21.03
N HIS B 88 3.18 2.58 20.16
CA HIS B 88 2.73 2.64 18.77
C HIS B 88 3.81 3.16 17.85
N TRP B 89 3.53 3.13 16.55
CA TRP B 89 4.45 3.68 15.56
C TRP B 89 3.81 4.81 14.75
N CYS B 90 4.69 5.66 14.21
CA CYS B 90 4.34 6.81 13.38
C CYS B 90 5.13 6.76 12.06
N TYR B 91 4.48 7.12 10.97
CA TYR B 91 5.12 7.07 9.66
C TYR B 91 4.71 8.25 8.79
N THR B 92 5.63 8.74 7.96
CA THR B 92 5.26 9.73 6.95
C THR B 92 6.12 9.66 5.69
N HIS B 93 5.53 9.98 4.55
CA HIS B 93 6.33 10.25 3.35
C HIS B 93 5.67 11.26 2.42
N ASN B 94 6.43 11.73 1.44
CA ASN B 94 6.01 12.79 0.53
C ASN B 94 5.44 12.23 -0.77
N VAL B 95 4.31 12.78 -1.21
CA VAL B 95 3.62 12.35 -2.44
C VAL B 95 3.45 13.51 -3.44
N ILE B 96 3.80 13.30 -4.70
CA ILE B 96 3.59 14.29 -5.76
C ILE B 96 2.83 13.72 -6.96
N ASN B 97 1.83 14.45 -7.48
CA ASN B 97 1.09 14.00 -8.66
C ASN B 97 1.87 14.30 -9.95
N ALA B 98 3.16 14.50 -9.81
CA ALA B 98 4.02 14.70 -10.95
C ALA B 98 5.32 13.95 -10.75
N ASN B 99 6.27 14.18 -11.65
CA ASN B 99 7.60 13.60 -11.57
C ASN B 99 8.29 14.05 -10.26
N CYS B 100 9.26 13.29 -9.79
CA CYS B 100 9.99 13.68 -8.59
C CYS B 100 10.77 14.98 -8.84
N LYS B 101 11.35 15.08 -10.04
CA LYS B 101 12.13 16.26 -10.41
C LYS B 101 11.35 17.58 -10.51
N ASP B 102 10.16 17.56 -11.12
CA ASP B 102 9.38 18.79 -11.22
C ASP B 102 8.64 19.05 -9.91
N HIS B 103 8.76 20.26 -9.40
CA HIS B 103 8.13 20.62 -8.14
C HIS B 103 7.18 21.80 -8.27
N THR B 104 5.93 21.56 -7.87
CA THR B 104 4.91 22.59 -7.85
C THR B 104 4.46 22.67 -6.40
N SER B 105 3.97 21.53 -5.93
CA SER B 105 3.56 21.35 -4.54
C SER B 105 3.50 19.86 -4.30
N SER B 106 3.46 19.47 -3.03
CA SER B 106 3.38 18.07 -2.69
C SER B 106 2.41 17.88 -1.55
N ASN B 107 2.11 16.62 -1.26
CA ASN B 107 1.24 16.26 -0.17
C ASN B 107 2.01 15.35 0.77
N GLN B 108 1.53 15.20 1.99
CA GLN B 108 2.30 14.44 2.96
C GLN B 108 1.42 13.35 3.55
N TYR B 109 1.77 12.10 3.30
CA TYR B 109 1.06 10.98 3.88
C TYR B 109 1.58 10.71 5.28
N ILE B 110 0.68 10.67 6.25
CA ILE B 110 1.00 10.41 7.65
C ILE B 110 0.13 9.26 8.17
N SER B 111 0.71 8.32 8.90
CA SER B 111 -0.12 7.31 9.52
C SER B 111 0.43 6.93 10.89
N MET B 112 -0.40 6.30 11.68
CA MET B 112 0.04 5.79 12.97
C MET B 112 -0.67 4.49 13.21
N GLY B 113 -0.05 3.63 14.00
CA GLY B 113 -0.65 2.33 14.23
C GLY B 113 0.09 1.53 15.28
N ILE B 114 -0.18 0.23 15.31
CA ILE B 114 0.38 -0.64 16.34
C ILE B 114 1.02 -1.89 15.75
N LEU B 115 1.81 -2.57 16.57
CA LEU B 115 2.30 -3.90 16.22
C LEU B 115 1.29 -4.94 16.69
N VAL B 116 0.90 -5.84 15.77
CA VAL B 116 -0.08 -6.89 16.07
C VAL B 116 0.47 -8.23 15.61
N GLN B 117 0.34 -9.26 16.45
CA GLN B 117 0.80 -10.60 16.08
C GLN B 117 -0.19 -11.31 15.15
N THR B 118 0.33 -12.01 14.15
CA THR B 118 -0.51 -12.74 13.20
C THR B 118 -0.33 -14.24 13.37
N ALA B 119 -1.25 -15.01 12.82
CA ALA B 119 -1.17 -16.47 12.85
C ALA B 119 -0.03 -16.97 11.96
N SER B 120 0.49 -16.09 11.13
CA SER B 120 1.59 -16.44 10.24
C SER B 120 2.87 -16.64 11.03
N GLY B 121 2.88 -16.17 12.27
CA GLY B 121 4.00 -16.37 13.17
C GLY B 121 4.82 -15.14 13.48
N TYR B 122 4.43 -14.01 12.91
CA TYR B 122 5.20 -12.79 13.06
C TYR B 122 4.28 -11.58 13.11
N PRO B 123 4.77 -10.45 13.65
CA PRO B 123 3.92 -9.26 13.72
C PRO B 123 3.67 -8.57 12.40
N MET B 124 2.67 -7.69 12.43
CA MET B 124 2.25 -6.94 11.27
C MET B 124 2.02 -5.51 11.74
N PHE B 125 2.28 -4.53 10.88
CA PHE B 125 2.06 -3.14 11.23
C PHE B 125 0.65 -2.74 10.86
N LYS B 126 -0.19 -2.55 11.88
CA LYS B 126 -1.61 -2.26 11.66
C LYS B 126 -1.89 -0.77 11.79
N THR B 127 -2.26 -0.15 10.67
CA THR B 127 -2.54 1.28 10.63
C THR B 127 -3.87 1.58 11.33
N LEU B 128 -3.83 2.50 12.29
CA LEU B 128 -5.02 2.91 13.03
C LEU B 128 -5.52 4.30 12.65
N LYS B 129 -4.61 5.18 12.23
CA LYS B 129 -5.05 6.50 11.76
C LYS B 129 -4.25 6.95 10.55
N ILE B 130 -4.96 7.52 9.58
CA ILE B 130 -4.35 8.09 8.38
C ILE B 130 -4.68 9.57 8.29
N GLN B 131 -3.67 10.37 7.97
CA GLN B 131 -3.86 11.78 7.70
C GLN B 131 -3.11 12.10 6.41
N TYR B 132 -3.82 12.59 5.40
CA TYR B 132 -3.18 12.97 4.15
C TYR B 132 -3.20 14.48 4.04
N LEU B 133 -2.07 15.13 4.32
CA LEU B 133 -2.01 16.58 4.28
C LEU B 133 -1.88 17.03 2.83
N SER B 134 -3.00 17.51 2.30
CA SER B 134 -3.09 18.02 0.95
C SER B 134 -3.87 19.33 0.92
N ASP B 135 -3.18 20.44 1.17
CA ASP B 135 -3.80 21.76 1.13
C ASP B 135 -3.10 22.72 0.18
N GLY B 136 -2.14 22.23 -0.58
CA GLY B 136 -1.39 23.06 -1.52
C GLY B 136 -0.13 23.67 -0.94
N LEU B 137 0.10 23.44 0.34
CA LEU B 137 1.33 23.87 0.99
C LEU B 137 2.41 22.80 0.79
N ASN B 138 3.56 23.21 0.26
CA ASN B 138 4.60 22.24 -0.07
C ASN B 138 5.49 21.97 1.14
N ARG B 139 5.07 21.01 1.96
CA ARG B 139 5.82 20.58 3.13
C ARG B 139 6.86 19.58 2.68
N LYS B 140 8.10 19.80 3.09
CA LYS B 140 9.20 19.05 2.52
C LYS B 140 10.21 18.62 3.59
N SER B 141 10.93 17.55 3.29
CA SER B 141 11.98 17.01 4.15
C SER B 141 11.47 16.64 5.55
N CYS B 142 10.21 16.24 5.65
CA CYS B 142 9.55 16.06 6.95
C CYS B 142 10.09 14.90 7.78
N SER B 143 10.24 15.16 9.08
CA SER B 143 10.68 14.15 10.02
C SER B 143 9.56 13.88 11.03
N ILE B 144 9.28 12.61 11.30
CA ILE B 144 8.21 12.28 12.24
C ILE B 144 8.75 11.70 13.56
N ALA B 145 7.96 11.83 14.62
CA ALA B 145 8.33 11.36 15.95
C ALA B 145 7.10 10.79 16.64
N THR B 146 7.26 9.67 17.32
CA THR B 146 6.16 9.10 18.09
C THR B 146 6.03 9.87 19.40
N VAL B 147 4.83 10.38 19.66
CA VAL B 147 4.58 11.14 20.86
C VAL B 147 3.37 10.57 21.59
N PRO B 148 3.17 10.95 22.87
CA PRO B 148 2.01 10.43 23.58
C PRO B 148 0.69 10.66 22.84
N ASP B 149 -0.02 9.55 22.62
CA ASP B 149 -1.31 9.52 21.93
C ASP B 149 -1.26 9.98 20.49
N GLY B 150 -0.09 9.94 19.85
CA GLY B 150 -0.01 10.34 18.47
C GLY B 150 1.36 10.54 17.86
N CYS B 151 1.43 11.46 16.90
CA CYS B 151 2.64 11.72 16.13
C CYS B 151 2.92 13.22 16.08
N ALA B 152 4.19 13.58 16.04
CA ALA B 152 4.57 14.96 15.79
C ALA B 152 5.49 15.01 14.57
N MET B 153 5.21 15.92 13.65
CA MET B 153 5.98 16.02 12.42
C MET B 153 6.60 17.41 12.27
N TYR B 154 7.87 17.45 11.91
CA TYR B 154 8.59 18.70 11.69
C TYR B 154 8.88 18.81 10.19
N CYS B 155 8.39 19.89 9.58
CA CYS B 155 8.55 20.15 8.16
C CYS B 155 9.05 21.56 7.89
N TYR B 156 9.51 21.83 6.67
CA TYR B 156 9.60 23.20 6.22
C TYR B 156 8.76 23.34 4.96
N VAL B 157 8.26 24.55 4.70
CA VAL B 157 7.45 24.78 3.50
C VAL B 157 8.36 25.27 2.40
N SER B 158 8.49 24.48 1.33
CA SER B 158 9.43 24.81 0.27
C SER B 158 8.75 25.63 -0.83
N THR B 159 9.29 26.81 -1.11
CA THR B 159 8.78 27.66 -2.17
C THR B 159 9.76 27.75 -3.35
N GLN B 160 10.92 27.13 -3.20
CA GLN B 160 11.98 27.30 -4.17
C GLN B 160 13.00 26.17 -4.09
N LEU B 161 13.98 26.20 -4.99
CA LEU B 161 15.06 25.23 -5.04
C LEU B 161 15.86 25.26 -3.75
N GLU B 162 16.40 24.11 -3.35
CA GLU B 162 17.21 24.03 -2.14
C GLU B 162 18.42 24.93 -2.24
N THR B 163 19.00 25.00 -3.43
CA THR B 163 20.15 25.87 -3.66
C THR B 163 19.76 27.34 -3.54
N ASP B 164 18.57 27.70 -4.02
CA ASP B 164 18.04 29.05 -3.84
C ASP B 164 17.88 29.35 -2.36
N ASP B 165 17.43 28.32 -1.64
CA ASP B 165 17.28 28.39 -0.20
C ASP B 165 18.60 28.76 0.49
N TYR B 166 19.67 28.05 0.16
CA TYR B 166 20.98 28.32 0.78
C TYR B 166 21.61 29.63 0.30
N ALA B 167 21.27 30.05 -0.91
CA ALA B 167 21.78 31.31 -1.45
C ALA B 167 21.18 32.51 -0.72
N GLY B 168 19.93 32.37 -0.31
CA GLY B 168 19.22 33.45 0.36
C GLY B 168 19.70 33.75 1.76
N SER B 169 19.10 34.76 2.38
CA SER B 169 19.48 35.20 3.71
C SER B 169 18.41 34.88 4.75
N SER B 170 17.28 34.36 4.29
CA SER B 170 16.13 34.13 5.16
C SER B 170 15.66 32.68 5.14
N PRO B 171 15.64 32.04 6.32
CA PRO B 171 15.22 30.63 6.46
C PRO B 171 13.78 30.44 6.01
N PRO B 172 13.44 29.26 5.47
CA PRO B 172 12.06 29.02 5.05
C PRO B 172 11.14 28.86 6.25
N THR B 173 9.84 28.77 5.99
CA THR B 173 8.87 28.59 7.06
C THR B 173 9.02 27.22 7.70
N GLN B 174 9.17 27.22 9.03
CA GLN B 174 9.30 26.00 9.79
C GLN B 174 7.93 25.65 10.36
N LYS B 175 7.48 24.43 10.10
CA LYS B 175 6.17 23.97 10.53
C LYS B 175 6.27 22.79 11.48
N LEU B 176 5.46 22.82 12.52
CA LEU B 176 5.35 21.72 13.47
C LEU B 176 3.89 21.26 13.53
N THR B 177 3.63 20.00 13.22
CA THR B 177 2.25 19.50 13.22
C THR B 177 2.05 18.31 14.15
N LEU B 178 0.91 18.31 14.82
CA LEU B 178 0.59 17.37 15.87
C LEU B 178 -0.64 16.61 15.44
N LEU B 179 -0.54 15.29 15.36
CA LEU B 179 -1.65 14.49 14.90
C LEU B 179 -1.99 13.46 15.95
N PHE B 180 -3.20 13.52 16.50
CA PHE B 180 -3.54 12.65 17.61
C PHE B 180 -4.56 11.58 17.23
N TYR B 181 -4.58 10.52 18.03
CA TYR B 181 -5.50 9.39 17.82
C TYR B 181 -6.95 9.81 17.87
N ASN B 182 -7.24 10.88 18.61
CA ASN B 182 -8.60 11.39 18.74
C ASN B 182 -9.01 12.23 17.52
N ASP B 183 -8.21 12.12 16.46
CA ASP B 183 -8.46 12.74 15.16
C ASP B 183 -8.16 14.25 15.14
N THR B 184 -7.72 14.79 16.26
CA THR B 184 -7.28 16.19 16.32
C THR B 184 -5.97 16.39 15.57
N VAL B 185 -5.90 17.42 14.74
CA VAL B 185 -4.63 17.79 14.12
C VAL B 185 -4.38 19.30 14.25
N THR B 186 -3.23 19.64 14.83
CA THR B 186 -2.89 21.03 15.14
C THR B 186 -1.59 21.42 14.45
N GLU B 187 -1.55 22.54 13.75
CA GLU B 187 -0.28 22.92 13.12
C GLU B 187 0.14 24.34 13.47
N ARG B 188 1.42 24.49 13.79
CA ARG B 188 2.00 25.78 14.16
C ARG B 188 3.23 26.13 13.32
N THR B 189 3.38 27.42 13.01
CA THR B 189 4.65 27.90 12.50
C THR B 189 5.55 28.16 13.70
N ILE B 190 6.82 27.78 13.58
CA ILE B 190 7.75 28.00 14.68
C ILE B 190 8.99 28.78 14.26
N SER B 191 9.57 29.50 15.22
CA SER B 191 10.87 30.14 15.03
C SER B 191 11.73 29.83 16.24
N PRO B 192 12.43 28.69 16.21
CA PRO B 192 13.23 28.23 17.35
C PRO B 192 14.28 29.25 17.75
N THR B 193 14.63 29.28 19.03
CA THR B 193 15.67 30.16 19.51
C THR B 193 16.99 29.86 18.82
N GLY B 194 17.57 30.89 18.21
CA GLY B 194 18.87 30.77 17.58
C GLY B 194 18.80 30.76 16.06
N LEU B 195 17.58 30.76 15.52
CA LEU B 195 17.38 30.69 14.09
C LEU B 195 17.55 32.05 13.41
N GLU B 196 16.77 33.02 13.87
CA GLU B 196 16.70 34.34 13.24
C GLU B 196 18.07 34.99 13.16
N GLY B 197 18.50 35.33 11.96
CA GLY B 197 19.75 36.05 11.76
C GLY B 197 20.99 35.19 11.62
N ASN B 198 20.93 33.95 12.11
CA ASN B 198 22.10 33.06 12.06
C ASN B 198 22.08 32.06 10.92
N TRP B 199 20.92 31.88 10.29
CA TRP B 199 20.78 30.84 9.28
C TRP B 199 20.24 31.35 7.95
N ALA B 200 20.80 30.85 6.86
CA ALA B 200 20.26 31.05 5.52
C ALA B 200 19.06 30.14 5.27
N THR B 201 19.20 28.87 5.66
CA THR B 201 18.06 27.93 5.75
C THR B 201 18.20 26.94 6.88
N LEU B 202 17.09 26.29 7.17
CA LEU B 202 17.06 25.14 8.06
C LEU B 202 15.96 24.23 7.55
N VAL B 203 16.22 22.93 7.51
CA VAL B 203 15.21 21.96 7.13
C VAL B 203 15.28 20.77 8.07
N PRO B 204 14.20 19.98 8.14
CA PRO B 204 14.26 18.80 9.00
C PRO B 204 15.21 17.73 8.42
N GLY B 205 15.71 16.88 9.32
CA GLY B 205 16.65 15.82 8.98
C GLY B 205 16.11 14.63 8.21
N VAL B 206 14.79 14.54 8.08
CA VAL B 206 14.09 13.43 7.39
C VAL B 206 13.97 12.21 8.30
N GLY B 207 15.07 11.81 8.91
CA GLY B 207 15.04 10.70 9.84
C GLY B 207 14.19 11.08 11.03
N SER B 208 13.60 10.09 11.68
CA SER B 208 12.71 10.33 12.81
C SER B 208 13.37 10.98 14.03
N GLY B 209 12.56 11.76 14.75
CA GLY B 209 12.97 12.38 16.00
C GLY B 209 12.44 11.53 17.14
N ILE B 210 12.64 11.96 18.38
CA ILE B 210 12.14 11.19 19.52
C ILE B 210 11.51 12.07 20.60
N TYR B 211 10.71 11.44 21.44
CA TYR B 211 10.17 12.09 22.62
C TYR B 211 10.75 11.44 23.86
N PHE B 212 11.49 12.19 24.66
CA PHE B 212 12.04 11.66 25.90
C PHE B 212 12.18 12.75 26.97
N GLU B 213 11.74 12.42 28.19
CA GLU B 213 11.84 13.34 29.32
C GLU B 213 11.24 14.71 29.04
N ASN B 214 9.99 14.74 28.60
CA ASN B 214 9.26 15.97 28.26
C ASN B 214 9.97 16.79 27.17
N LYS B 215 10.85 16.15 26.42
CA LYS B 215 11.52 16.83 25.32
C LYS B 215 11.21 16.15 23.99
N LEU B 216 10.90 16.95 23.00
CA LEU B 216 10.69 16.48 21.64
C LEU B 216 11.90 16.91 20.81
N ILE B 217 12.66 15.96 20.30
CA ILE B 217 13.92 16.30 19.64
C ILE B 217 13.96 15.77 18.21
N PHE B 218 14.13 16.68 17.26
CA PHE B 218 14.20 16.34 15.84
C PHE B 218 15.59 16.59 15.27
N PRO B 219 16.01 15.79 14.28
CA PRO B 219 17.20 16.12 13.51
C PRO B 219 16.91 17.27 12.55
N ALA B 220 17.89 18.14 12.35
CA ALA B 220 17.72 19.24 11.42
C ALA B 220 19.08 19.56 10.81
N TYR B 221 19.08 20.29 9.71
CA TYR B 221 20.33 20.81 9.15
C TYR B 221 20.01 21.98 8.24
N GLY B 222 21.03 22.77 7.93
CA GLY B 222 20.85 23.88 7.01
C GLY B 222 22.12 24.67 6.83
N GLY B 223 22.01 25.85 6.26
CA GLY B 223 23.17 26.71 6.08
C GLY B 223 23.27 27.78 7.15
N VAL B 224 24.47 27.95 7.68
CA VAL B 224 24.74 29.02 8.63
C VAL B 224 25.40 30.18 7.89
N LEU B 225 24.88 31.38 8.13
CA LEU B 225 25.51 32.61 7.65
C LEU B 225 26.86 32.78 8.33
N PRO B 226 27.93 32.71 7.54
CA PRO B 226 29.29 32.73 8.09
C PRO B 226 29.64 34.04 8.81
N ASN B 227 28.97 35.14 8.48
CA ASN B 227 29.28 36.41 9.12
C ASN B 227 28.40 36.69 10.34
N SER B 228 27.59 35.72 10.73
CA SER B 228 26.72 35.85 11.89
C SER B 228 27.46 35.52 13.18
N THR B 229 26.78 35.65 14.31
CA THR B 229 27.34 35.27 15.61
C THR B 229 27.76 33.81 15.63
N LEU B 230 26.83 32.93 15.26
CA LEU B 230 27.10 31.50 15.21
C LEU B 230 28.17 31.22 14.16
N GLY B 231 28.09 31.92 13.04
CA GLY B 231 29.05 31.76 11.96
C GLY B 231 30.48 32.06 12.36
N VAL B 232 30.68 33.10 13.16
CA VAL B 232 32.03 33.46 13.59
C VAL B 232 32.49 32.62 14.78
N LYS B 233 31.55 32.23 15.64
CA LYS B 233 31.90 31.40 16.79
C LYS B 233 32.40 30.00 16.38
N SER B 234 31.82 29.47 15.30
CA SER B 234 32.12 28.11 14.86
C SER B 234 33.11 28.02 13.70
N ALA B 235 33.66 29.16 13.28
CA ALA B 235 34.52 29.23 12.09
C ALA B 235 35.75 28.31 12.11
N ARG B 236 36.41 28.19 13.26
CA ARG B 236 37.56 27.29 13.40
C ARG B 236 37.22 25.78 13.35
N GLU B 237 36.06 25.40 13.88
CA GLU B 237 35.68 23.98 14.03
C GLU B 237 35.60 23.12 12.77
N PHE B 238 36.14 21.91 12.88
CA PHE B 238 36.08 20.91 11.82
C PHE B 238 36.36 19.54 12.41
N PHE B 239 35.93 18.50 11.71
CA PHE B 239 36.16 17.14 12.15
C PHE B 239 36.74 16.34 10.99
N ARG B 240 37.86 15.66 11.23
CA ARG B 240 38.52 14.88 10.18
C ARG B 240 38.70 13.43 10.61
N PRO B 241 37.70 12.58 10.35
CA PRO B 241 37.78 11.15 10.66
C PRO B 241 38.83 10.46 9.80
N VAL B 242 39.52 9.48 10.37
CA VAL B 242 40.48 8.69 9.61
C VAL B 242 40.20 7.19 9.76
N ASN B 243 40.17 6.50 8.62
CA ASN B 243 40.05 5.06 8.61
C ASN B 243 41.43 4.42 8.69
N PRO B 244 41.76 3.82 9.84
CA PRO B 244 43.08 3.25 10.14
C PRO B 244 43.52 2.23 9.11
N TYR B 245 42.54 1.56 8.51
CA TYR B 245 42.79 0.52 7.52
C TYR B 245 42.80 1.10 6.10
N ASN B 246 42.40 2.36 5.98
CA ASN B 246 42.43 3.04 4.68
C ASN B 246 42.62 4.54 4.82
N PRO B 247 43.81 4.99 5.27
CA PRO B 247 43.98 6.42 5.53
C PRO B 247 44.04 7.25 4.26
N CYS B 248 43.86 8.55 4.43
CA CYS B 248 44.09 9.50 3.36
C CYS B 248 45.55 9.93 3.53
N SER B 249 46.35 9.70 2.50
CA SER B 249 47.75 10.07 2.56
C SER B 249 47.90 11.57 2.36
N GLY B 250 48.74 12.18 3.19
CA GLY B 250 48.93 13.62 3.15
C GLY B 250 49.25 14.17 4.53
N PRO B 251 49.73 15.43 4.58
CA PRO B 251 50.09 16.10 5.84
C PRO B 251 48.87 16.47 6.68
N GLN B 252 49.01 16.42 7.99
CA GLN B 252 47.90 16.72 8.90
C GLN B 252 47.30 18.09 8.67
N GLN B 253 48.16 19.09 8.48
CA GLN B 253 47.71 20.47 8.43
C GLN B 253 46.90 20.76 7.18
N ASP B 254 47.37 20.21 6.05
CA ASP B 254 46.71 20.39 4.77
C ASP B 254 45.39 19.64 4.71
N LEU B 255 45.41 18.39 5.15
CA LEU B 255 44.19 17.60 5.22
C LEU B 255 43.19 18.31 6.12
N ASP B 256 43.67 18.90 7.21
CA ASP B 256 42.82 19.58 8.17
C ASP B 256 42.17 20.82 7.58
N GLN B 257 42.91 21.61 6.83
CA GLN B 257 42.28 22.79 6.27
C GLN B 257 41.35 22.40 5.12
N ARG B 258 41.66 21.31 4.43
CA ARG B 258 40.75 20.82 3.40
C ARG B 258 39.44 20.35 4.04
N ALA B 259 39.55 19.72 5.20
CA ALA B 259 38.40 19.27 5.97
C ALA B 259 37.56 20.44 6.49
N LEU B 260 38.24 21.51 6.92
CA LEU B 260 37.55 22.70 7.36
C LEU B 260 36.78 23.31 6.19
N ARG B 261 37.41 23.32 5.03
CA ARG B 261 36.80 23.90 3.84
C ARG B 261 35.69 23.04 3.22
N SER B 262 35.64 21.75 3.57
CA SER B 262 34.57 20.89 3.07
C SER B 262 33.20 21.26 3.63
N TYR B 263 33.17 22.07 4.67
CA TYR B 263 31.92 22.50 5.31
C TYR B 263 31.25 23.65 4.56
N PHE B 264 31.93 24.17 3.55
CA PHE B 264 31.43 25.35 2.86
C PHE B 264 31.29 25.14 1.36
N PRO B 265 30.45 24.17 0.95
CA PRO B 265 30.35 23.85 -0.47
C PRO B 265 29.81 25.03 -1.27
N SER B 266 30.38 25.29 -2.45
CA SER B 266 29.90 26.39 -3.27
C SER B 266 28.53 26.04 -3.84
N TYR B 267 28.20 24.76 -3.84
CA TYR B 267 26.88 24.30 -4.24
C TYR B 267 25.82 24.96 -3.37
N PHE B 268 26.12 25.09 -2.08
CA PHE B 268 25.22 25.70 -1.12
C PHE B 268 25.63 27.14 -0.81
N SER B 269 26.37 27.74 -1.75
CA SER B 269 26.79 29.15 -1.70
C SER B 269 27.78 29.46 -0.59
N ASN B 270 28.61 28.47 -0.25
CA ASN B 270 29.67 28.62 0.75
C ASN B 270 29.14 29.03 2.12
N ARG B 271 27.88 28.71 2.41
CA ARG B 271 27.37 28.81 3.77
C ARG B 271 28.06 27.73 4.57
N ARG B 272 28.04 27.85 5.90
CA ARG B 272 28.53 26.74 6.68
C ARG B 272 27.41 25.71 6.84
N VAL B 273 27.51 24.59 6.14
CA VAL B 273 26.43 23.61 6.20
C VAL B 273 26.56 22.84 7.51
N GLN B 274 25.47 22.91 8.28
CA GLN B 274 25.50 22.59 9.70
C GLN B 274 24.32 21.72 10.13
N SER B 275 24.62 20.66 10.87
CA SER B 275 23.62 19.87 11.56
C SER B 275 23.19 20.54 12.86
N ALA B 276 21.90 20.42 13.18
CA ALA B 276 21.37 20.96 14.43
C ALA B 276 20.24 20.07 14.96
N PHE B 277 19.84 20.31 16.20
CA PHE B 277 18.72 19.60 16.80
C PHE B 277 17.62 20.56 17.19
N LEU B 278 16.42 20.29 16.70
CA LEU B 278 15.27 21.05 17.16
C LEU B 278 14.76 20.42 18.43
N VAL B 279 14.86 21.13 19.55
CA VAL B 279 14.38 20.60 20.83
C VAL B 279 13.22 21.44 21.34
N CYS B 280 12.13 20.76 21.67
CA CYS B 280 10.88 21.41 22.05
C CYS B 280 10.39 20.92 23.40
N ALA B 281 9.90 21.82 24.22
CA ALA B 281 9.27 21.40 25.47
C ALA B 281 7.88 20.87 25.15
N TRP B 282 7.65 19.58 25.42
CA TRP B 282 6.37 18.95 25.13
C TRP B 282 5.29 19.56 26.00
N ASN B 283 5.68 19.83 27.25
CA ASN B 283 4.88 20.55 28.22
C ASN B 283 4.19 21.79 27.64
N GLN B 284 4.98 22.60 26.94
CA GLN B 284 4.52 23.86 26.37
C GLN B 284 4.36 23.80 24.86
N ILE B 285 4.27 22.59 24.31
CA ILE B 285 4.37 22.36 22.87
C ILE B 285 3.40 23.20 22.02
N LEU B 286 2.32 23.67 22.63
CA LEU B 286 1.35 24.51 21.92
C LEU B 286 1.76 25.97 21.81
N VAL B 287 2.66 26.43 22.68
CA VAL B 287 3.02 27.85 22.68
C VAL B 287 4.52 28.09 22.49
N THR B 288 5.35 27.11 22.85
CA THR B 288 6.80 27.27 22.75
C THR B 288 7.25 27.48 21.29
N ASN B 289 8.33 28.21 21.13
CA ASN B 289 8.88 28.43 19.80
C ASN B 289 9.94 27.41 19.48
N CYS B 290 10.32 26.65 20.49
CA CYS B 290 11.32 25.59 20.41
C CYS B 290 12.71 26.20 20.44
N GLU B 291 13.72 25.34 20.44
CA GLU B 291 15.10 25.80 20.51
C GLU B 291 16.02 25.05 19.55
N LEU B 292 16.99 25.75 18.97
CA LEU B 292 17.99 25.12 18.09
C LEU B 292 19.26 24.86 18.86
N VAL B 293 19.56 23.57 19.09
CA VAL B 293 20.78 23.22 19.78
C VAL B 293 21.78 22.74 18.73
N VAL B 294 22.89 23.46 18.62
CA VAL B 294 23.87 23.20 17.55
C VAL B 294 25.15 22.58 18.09
N PRO B 295 25.54 21.41 17.56
CA PRO B 295 26.76 20.72 18.00
C PRO B 295 28.04 21.40 17.50
N SER B 296 29.14 21.11 18.17
CA SER B 296 30.44 21.59 17.75
C SER B 296 30.91 20.81 16.54
N ASN B 297 31.36 21.51 15.52
CA ASN B 297 31.78 20.83 14.31
C ASN B 297 33.16 20.21 14.47
N ASN B 298 33.73 20.35 15.67
CA ASN B 298 34.91 19.58 16.05
C ASN B 298 34.53 18.13 16.23
N GLN B 299 33.25 17.91 16.55
CA GLN B 299 32.74 16.58 16.87
C GLN B 299 31.87 15.96 15.79
N THR B 300 31.56 16.71 14.74
CA THR B 300 30.62 16.25 13.72
C THR B 300 30.94 16.79 12.32
N LEU B 301 30.56 16.03 11.28
CA LEU B 301 30.84 16.41 9.90
C LEU B 301 29.85 17.44 9.37
N MET B 302 30.01 17.78 8.09
CA MET B 302 29.13 18.74 7.42
C MET B 302 27.67 18.37 7.60
N GLY B 303 26.84 19.38 7.86
CA GLY B 303 25.43 19.19 8.14
C GLY B 303 24.67 18.41 7.08
N ALA B 304 23.79 17.53 7.53
CA ALA B 304 23.06 16.66 6.63
C ALA B 304 21.83 16.07 7.30
N GLU B 305 21.07 15.32 6.51
CA GLU B 305 19.96 14.53 7.02
C GLU B 305 20.46 13.62 8.12
N GLY B 306 19.58 13.25 9.03
CA GLY B 306 20.00 12.42 10.13
C GLY B 306 18.85 11.84 10.89
N ARG B 307 19.14 11.16 11.98
CA ARG B 307 18.10 10.53 12.76
C ARG B 307 18.46 10.56 14.23
N VAL B 308 17.48 10.80 15.10
CA VAL B 308 17.74 10.70 16.52
C VAL B 308 17.14 9.41 17.06
N LEU B 309 17.95 8.63 17.76
CA LEU B 309 17.51 7.39 18.38
C LEU B 309 17.60 7.44 19.90
N LEU B 310 16.68 6.77 20.58
CA LEU B 310 16.78 6.60 22.01
C LEU B 310 16.69 5.13 22.34
N ILE B 311 17.82 4.54 22.70
CA ILE B 311 17.86 3.11 22.98
C ILE B 311 18.40 2.89 24.39
N ASN B 312 17.75 1.98 25.12
CA ASN B 312 17.74 2.04 26.57
C ASN B 312 17.32 3.45 26.93
N ASN B 313 18.08 4.15 27.76
CA ASN B 313 17.85 5.58 27.85
C ASN B 313 18.96 6.47 27.27
N ARG B 314 19.86 5.91 26.47
CA ARG B 314 20.85 6.79 25.83
C ARG B 314 20.52 7.18 24.39
N LEU B 315 20.91 8.40 24.04
CA LEU B 315 20.63 9.01 22.74
C LEU B 315 21.75 8.83 21.73
N LEU B 316 21.35 8.58 20.48
CA LEU B 316 22.29 8.48 19.38
C LEU B 316 21.82 9.34 18.21
N TYR B 317 22.76 9.71 17.34
CA TYR B 317 22.46 10.51 16.17
C TYR B 317 23.09 9.86 14.93
N TYR B 318 22.27 9.47 13.96
CA TYR B 318 22.78 9.06 12.66
C TYR B 318 22.94 10.29 11.80
N GLN B 319 24.05 10.37 11.08
CA GLN B 319 24.25 11.47 10.15
C GLN B 319 24.50 10.90 8.76
N ARG B 320 23.71 11.35 7.79
CA ARG B 320 23.91 10.95 6.40
C ARG B 320 25.28 11.45 5.97
N SER B 321 26.01 10.62 5.23
CA SER B 321 27.35 11.03 4.79
C SER B 321 27.21 11.77 3.47
N THR B 322 26.89 13.05 3.58
CA THR B 322 26.71 13.94 2.44
C THR B 322 28.06 14.51 2.05
N SER B 323 28.94 14.63 3.04
CA SER B 323 30.28 15.16 2.85
C SER B 323 31.19 14.07 2.29
N TRP B 324 32.50 14.28 2.42
CA TRP B 324 33.51 13.43 1.78
C TRP B 324 33.72 12.05 2.44
N TRP B 325 33.44 11.92 3.73
CA TRP B 325 33.60 10.66 4.46
C TRP B 325 32.49 9.69 4.09
N PRO B 326 32.85 8.59 3.40
CA PRO B 326 31.92 7.61 2.80
C PRO B 326 31.34 6.56 3.75
N TYR B 327 31.85 6.47 4.98
CA TYR B 327 31.40 5.41 5.88
C TYR B 327 30.22 5.84 6.73
N GLU B 328 29.68 4.90 7.49
CA GLU B 328 28.47 5.10 8.25
C GLU B 328 28.70 5.96 9.49
N LEU B 329 27.95 7.05 9.61
CA LEU B 329 28.14 7.97 10.74
C LEU B 329 27.07 7.82 11.83
N LEU B 330 27.52 7.40 13.00
CA LEU B 330 26.66 7.25 14.17
C LEU B 330 27.37 7.80 15.40
N TYR B 331 26.73 8.73 16.08
CA TYR B 331 27.31 9.39 17.25
C TYR B 331 26.52 9.07 18.51
N GLU B 332 27.21 8.86 19.62
CA GLU B 332 26.55 8.88 20.91
C GLU B 332 26.42 10.32 21.35
N ILE B 333 25.23 10.75 21.73
CA ILE B 333 25.07 12.16 22.05
C ILE B 333 24.44 12.33 23.43
N SER B 334 24.62 13.52 24.00
CA SER B 334 23.98 13.86 25.27
C SER B 334 23.77 15.36 25.35
N PHE B 335 22.70 15.76 26.01
CA PHE B 335 22.33 17.17 26.10
C PHE B 335 22.51 17.74 27.49
N THR B 336 22.76 19.05 27.53
CA THR B 336 22.68 19.80 28.75
C THR B 336 21.70 20.93 28.54
N PHE B 337 20.59 20.89 29.27
CA PHE B 337 19.62 21.99 29.20
C PHE B 337 19.87 22.91 30.38
N THR B 338 20.48 24.06 30.11
CA THR B 338 20.98 24.92 31.18
C THR B 338 19.97 25.97 31.60
N ASN B 339 19.34 25.73 32.75
CA ASN B 339 18.41 26.69 33.36
C ASN B 339 17.32 27.21 32.41
N SER B 340 16.94 26.37 31.44
CA SER B 340 16.02 26.75 30.36
C SER B 340 16.56 27.96 29.60
N GLY B 341 17.89 28.12 29.64
CA GLY B 341 18.60 29.14 28.89
C GLY B 341 19.03 28.52 27.59
N GLN B 342 20.28 28.72 27.21
CA GLN B 342 20.78 28.08 25.99
C GLN B 342 21.46 26.76 26.25
N SER B 343 20.85 25.71 25.71
CA SER B 343 21.28 24.34 25.91
C SER B 343 22.50 24.01 25.05
N SER B 344 23.17 22.93 25.38
CA SER B 344 24.32 22.48 24.62
C SER B 344 24.21 20.98 24.33
N VAL B 345 24.93 20.53 23.31
CA VAL B 345 24.94 19.10 22.99
C VAL B 345 26.37 18.63 22.75
N ASN B 346 26.68 17.45 23.28
CA ASN B 346 27.98 16.83 23.13
C ASN B 346 27.79 15.57 22.34
N MET B 347 28.63 15.34 21.33
CA MET B 347 28.55 14.09 20.61
C MET B 347 29.90 13.44 20.41
N SER B 348 29.86 12.12 20.33
CA SER B 348 31.06 11.32 20.27
C SER B 348 30.88 10.27 19.19
N TRP B 349 31.66 10.44 18.13
CA TRP B 349 31.66 9.56 16.97
C TRP B 349 32.00 8.12 17.35
N ILE B 350 31.14 7.18 16.94
CA ILE B 350 31.46 5.76 17.06
C ILE B 350 32.29 5.34 15.85
N PRO B 351 33.53 4.87 16.10
CA PRO B 351 34.50 4.63 15.03
C PRO B 351 34.11 3.49 14.10
N ILE B 352 33.26 3.79 13.12
CA ILE B 352 32.83 2.80 12.14
C ILE B 352 33.43 3.06 10.76
N TYR B 353 34.11 2.06 10.22
CA TYR B 353 34.50 2.06 8.82
C TYR B 353 34.39 0.64 8.26
N SER B 354 33.24 0.35 7.64
CA SER B 354 33.04 -0.97 7.05
C SER B 354 32.55 -0.85 5.62
N PHE B 355 31.26 -0.61 5.44
CA PHE B 355 30.75 -0.44 4.09
C PHE B 355 30.75 1.04 3.76
N THR B 356 30.50 1.34 2.49
CA THR B 356 30.64 2.68 1.96
C THR B 356 29.34 3.07 1.24
N ARG B 357 28.98 4.35 1.27
CA ARG B 357 27.77 4.77 0.57
C ARG B 357 28.12 5.28 -0.83
N PRO B 358 27.19 5.12 -1.79
CA PRO B 358 27.45 5.60 -3.14
C PRO B 358 27.41 7.13 -3.25
N GLY B 359 28.26 7.66 -4.12
CA GLY B 359 28.34 9.09 -4.35
C GLY B 359 28.87 9.34 -5.74
N SER B 360 28.93 10.62 -6.12
CA SER B 360 29.35 11.00 -7.46
C SER B 360 30.73 11.65 -7.48
N GLY B 361 31.45 11.49 -8.58
CA GLY B 361 32.71 12.21 -8.79
C GLY B 361 33.82 11.89 -7.82
N ASN B 362 34.33 12.92 -7.15
CA ASN B 362 35.37 12.72 -6.15
C ASN B 362 34.73 12.54 -4.77
N CYS B 363 33.41 12.44 -4.75
CA CYS B 363 32.67 12.13 -3.52
C CYS B 363 32.15 10.69 -3.48
N SER B 364 32.69 9.82 -4.35
CA SER B 364 32.19 8.46 -4.42
C SER B 364 32.53 7.65 -3.17
N GLY B 365 32.07 6.41 -3.13
CA GLY B 365 32.28 5.54 -1.99
C GLY B 365 33.74 5.16 -1.80
N GLU B 366 34.54 5.39 -2.83
CA GLU B 366 35.97 5.07 -2.78
C GLU B 366 36.82 6.22 -2.26
N ASN B 367 36.29 7.44 -2.28
CA ASN B 367 37.03 8.58 -1.77
C ASN B 367 37.05 8.66 -0.26
N VAL B 368 38.25 8.69 0.31
CA VAL B 368 38.43 8.81 1.74
C VAL B 368 39.05 10.17 2.14
N CYS B 369 39.23 11.07 1.18
CA CYS B 369 39.98 12.30 1.44
C CYS B 369 39.12 13.55 1.43
N PRO B 370 39.42 14.49 2.34
CA PRO B 370 38.66 15.72 2.50
C PRO B 370 38.52 16.51 1.21
N THR B 371 37.27 16.76 0.84
CA THR B 371 36.95 17.55 -0.34
C THR B 371 35.53 18.08 -0.14
N ALA B 372 35.22 19.23 -0.71
CA ALA B 372 33.87 19.74 -0.64
C ALA B 372 32.93 18.85 -1.44
N CYS B 373 31.99 18.25 -0.73
CA CYS B 373 31.05 17.30 -1.32
C CYS B 373 29.64 17.65 -0.90
N VAL B 374 28.70 17.56 -1.84
CA VAL B 374 27.30 17.41 -1.50
C VAL B 374 26.82 16.19 -2.26
N SER B 375 26.74 15.06 -1.57
CA SER B 375 26.57 13.77 -2.23
C SER B 375 25.94 12.76 -1.28
N GLY B 376 26.18 11.48 -1.55
CA GLY B 376 25.77 10.43 -0.65
C GLY B 376 24.28 10.14 -0.73
N VAL B 377 23.76 9.43 0.28
CA VAL B 377 22.37 9.02 0.30
C VAL B 377 21.98 8.65 1.74
N TYR B 378 20.70 8.74 2.08
CA TYR B 378 20.24 8.41 3.44
C TYR B 378 20.15 6.91 3.60
N LEU B 379 20.99 6.36 4.48
CA LEU B 379 20.95 4.96 4.86
C LEU B 379 21.23 4.86 6.34
N ASP B 380 20.21 4.70 7.18
CA ASP B 380 20.50 4.72 8.62
C ASP B 380 20.68 3.31 9.17
N PRO B 381 21.51 3.18 10.21
CA PRO B 381 21.78 1.94 10.97
C PRO B 381 20.89 1.77 12.20
N TRP B 382 20.60 0.52 12.56
CA TRP B 382 20.07 0.25 13.87
C TRP B 382 21.12 -0.48 14.71
N PRO B 383 21.57 0.14 15.81
CA PRO B 383 22.55 -0.53 16.69
C PRO B 383 21.93 -1.66 17.51
N LEU B 384 22.48 -2.87 17.38
CA LEU B 384 21.99 -4.02 18.12
C LEU B 384 22.66 -4.14 19.49
N THR B 385 23.77 -3.44 19.64
CA THR B 385 24.59 -3.52 20.85
C THR B 385 24.91 -2.12 21.33
N PRO B 386 25.11 -1.96 22.65
CA PRO B 386 25.64 -0.67 23.10
C PRO B 386 27.08 -0.49 22.60
N TYR B 387 27.53 0.73 22.44
CA TYR B 387 28.94 0.93 22.17
C TYR B 387 29.65 1.18 23.48
N SER B 388 29.49 2.38 24.02
CA SER B 388 30.05 2.71 25.31
C SER B 388 29.03 2.41 26.42
N HIS B 389 29.51 1.74 27.45
CA HIS B 389 28.69 1.45 28.63
C HIS B 389 29.48 1.84 29.88
N GLN B 390 28.91 1.56 31.04
CA GLN B 390 29.53 1.95 32.30
C GLN B 390 30.88 1.26 32.48
N SER B 391 30.92 -0.02 32.15
CA SER B 391 32.13 -0.83 32.30
C SER B 391 33.23 -0.36 31.36
N GLY B 392 32.86 0.02 30.13
CA GLY B 392 33.84 0.38 29.12
C GLY B 392 33.23 0.58 27.74
N ILE B 393 34.03 0.29 26.72
CA ILE B 393 33.60 0.41 25.33
C ILE B 393 33.49 -0.98 24.71
N ASN B 394 32.42 -1.21 23.94
CA ASN B 394 32.21 -2.50 23.30
C ASN B 394 32.79 -2.52 21.89
N ARG B 395 33.92 -3.22 21.74
CA ARG B 395 34.55 -3.39 20.44
C ARG B 395 33.75 -4.36 19.58
N ASN B 396 32.90 -5.13 20.23
CA ASN B 396 32.04 -6.11 19.55
C ASN B 396 30.72 -5.48 19.15
N PHE B 397 30.73 -4.16 18.97
CA PHE B 397 29.58 -3.40 18.50
C PHE B 397 29.05 -3.96 17.18
N TYR B 398 27.73 -4.09 17.08
CA TYR B 398 27.10 -4.58 15.84
C TYR B 398 25.91 -3.69 15.48
N PHE B 399 25.71 -3.48 14.18
CA PHE B 399 24.53 -2.73 13.74
C PHE B 399 23.99 -3.28 12.42
N THR B 400 22.72 -3.07 12.16
CA THR B 400 22.10 -3.66 10.98
C THR B 400 21.36 -2.62 10.16
N GLY B 401 21.15 -2.88 8.88
CA GLY B 401 20.43 -1.92 8.06
C GLY B 401 20.35 -2.35 6.61
N ALA B 402 20.05 -1.40 5.73
CA ALA B 402 20.08 -1.68 4.30
C ALA B 402 21.03 -0.73 3.60
N LEU B 403 21.96 -1.27 2.83
CA LEU B 403 22.93 -0.46 2.11
C LEU B 403 22.67 -0.57 0.60
N LEU B 404 23.40 0.23 -0.17
CA LEU B 404 23.32 0.15 -1.62
C LEU B 404 24.66 -0.34 -2.16
N ASN B 405 24.67 -1.49 -2.82
CA ASN B 405 25.94 -2.09 -3.23
C ASN B 405 26.43 -1.47 -4.52
N SER B 406 27.16 -0.37 -4.36
CA SER B 406 27.75 0.40 -5.44
C SER B 406 28.47 1.59 -4.81
N SER B 407 29.50 2.10 -5.46
CA SER B 407 30.19 3.26 -4.91
C SER B 407 29.80 4.52 -5.68
N THR B 408 29.01 4.35 -6.72
CA THR B 408 28.68 5.44 -7.62
C THR B 408 27.17 5.62 -7.73
N THR B 409 26.48 4.49 -7.86
CA THR B 409 25.07 4.49 -8.22
C THR B 409 24.18 4.03 -7.07
N ARG B 410 22.95 4.54 -7.03
CA ARG B 410 22.00 4.12 -6.01
C ARG B 410 21.27 2.90 -6.55
N VAL B 411 21.78 1.73 -6.23
CA VAL B 411 21.35 0.51 -6.87
C VAL B 411 21.74 -0.65 -5.96
N ASN B 412 21.12 -1.81 -6.17
CA ASN B 412 21.43 -3.03 -5.42
C ASN B 412 21.22 -2.89 -3.90
N PRO B 413 19.96 -2.78 -3.47
CA PRO B 413 19.67 -2.74 -2.04
C PRO B 413 20.06 -4.05 -1.36
N THR B 414 20.75 -3.97 -0.23
CA THR B 414 21.30 -5.14 0.43
C THR B 414 21.12 -5.04 1.93
N LEU B 415 20.38 -5.99 2.49
CA LEU B 415 20.24 -6.07 3.94
C LEU B 415 21.58 -6.49 4.53
N TYR B 416 21.95 -5.93 5.67
CA TYR B 416 23.25 -6.27 6.24
C TYR B 416 23.26 -6.27 7.76
N VAL B 417 24.16 -7.07 8.32
CA VAL B 417 24.64 -6.84 9.68
C VAL B 417 26.13 -6.56 9.57
N SER B 418 26.58 -5.56 10.32
CA SER B 418 27.94 -5.06 10.23
C SER B 418 28.59 -4.92 11.61
N ALA B 419 29.88 -5.27 11.68
CA ALA B 419 30.70 -4.94 12.83
C ALA B 419 31.33 -3.56 12.59
N LEU B 420 32.27 -3.18 13.44
CA LEU B 420 32.92 -1.88 13.31
C LEU B 420 33.83 -1.82 12.07
N ASN B 421 34.54 -2.92 11.80
CA ASN B 421 35.52 -2.96 10.71
C ASN B 421 35.06 -3.72 9.48
N ASN B 422 34.03 -4.54 9.63
CA ASN B 422 33.66 -5.46 8.57
C ASN B 422 32.19 -5.88 8.58
N LEU B 423 31.69 -6.31 7.43
CA LEU B 423 30.32 -6.78 7.30
C LEU B 423 30.18 -8.22 7.78
N LYS B 424 29.24 -8.45 8.69
CA LYS B 424 29.02 -9.78 9.24
C LYS B 424 28.11 -10.62 8.35
N VAL B 425 27.10 -10.02 7.74
CA VAL B 425 26.27 -10.79 6.81
C VAL B 425 25.56 -9.88 5.81
N LEU B 426 25.28 -10.41 4.62
CA LEU B 426 24.65 -9.68 3.52
C LEU B 426 23.52 -10.49 2.88
N ALA B 427 22.42 -9.81 2.59
CA ALA B 427 21.25 -10.41 1.96
C ALA B 427 20.61 -9.45 0.96
N PRO B 428 20.98 -9.58 -0.32
CA PRO B 428 20.42 -8.71 -1.37
C PRO B 428 18.90 -8.77 -1.42
N TYR B 429 18.24 -7.63 -1.63
CA TYR B 429 16.83 -7.64 -1.99
C TYR B 429 16.72 -7.50 -3.50
N GLY B 430 16.10 -8.47 -4.15
CA GLY B 430 15.96 -8.44 -5.59
C GLY B 430 17.24 -8.78 -6.32
N ASN B 431 17.23 -8.56 -7.63
CA ASN B 431 18.39 -8.91 -8.45
C ASN B 431 19.36 -7.75 -8.61
N GLN B 432 20.48 -8.01 -9.27
CA GLN B 432 21.44 -6.96 -9.61
C GLN B 432 20.79 -5.95 -10.55
N GLY B 433 21.02 -4.68 -10.29
CA GLY B 433 20.50 -3.64 -11.16
C GLY B 433 19.20 -3.02 -10.66
N LEU B 434 18.68 -3.51 -9.54
CA LEU B 434 17.49 -2.92 -8.94
C LEU B 434 17.86 -1.60 -8.30
N PHE B 435 17.23 -0.52 -8.77
CA PHE B 435 17.49 0.81 -8.24
C PHE B 435 16.77 1.03 -6.91
N ALA B 436 17.52 1.55 -5.95
CA ALA B 436 16.99 1.87 -4.62
C ALA B 436 17.69 3.11 -4.05
N SER B 437 16.98 3.90 -3.24
CA SER B 437 17.58 5.09 -2.64
C SER B 437 17.62 5.06 -1.12
N TYR B 438 16.81 5.90 -0.47
CA TYR B 438 16.79 5.99 0.99
C TYR B 438 16.36 4.69 1.68
N THR B 439 17.01 4.39 2.80
CA THR B 439 16.62 3.26 3.63
C THR B 439 16.64 3.70 5.09
N THR B 440 15.69 3.19 5.86
CA THR B 440 15.66 3.41 7.30
C THR B 440 15.28 2.09 7.99
N THR B 441 16.04 1.71 9.00
CA THR B 441 15.89 0.40 9.64
C THR B 441 15.55 0.52 11.11
N THR B 442 14.60 -0.31 11.57
CA THR B 442 14.28 -0.39 12.99
C THR B 442 14.16 -1.84 13.45
N CYS B 443 14.79 -2.18 14.57
CA CYS B 443 14.69 -3.53 15.12
C CYS B 443 14.03 -3.53 16.49
N PHE B 444 13.34 -4.61 16.80
CA PHE B 444 12.64 -4.77 18.06
C PHE B 444 12.58 -6.26 18.38
N GLN B 445 12.33 -6.60 19.63
CA GLN B 445 12.28 -8.00 20.02
C GLN B 445 10.93 -8.40 20.60
N ASP B 446 10.47 -9.57 20.18
CA ASP B 446 9.32 -10.24 20.77
C ASP B 446 9.79 -10.86 22.08
N THR B 447 9.29 -10.36 23.21
CA THR B 447 9.79 -10.90 24.48
C THR B 447 9.10 -12.22 24.80
N GLY B 448 8.05 -12.56 24.04
CA GLY B 448 7.38 -13.82 24.24
C GLY B 448 8.22 -14.99 23.77
N ASP B 449 8.67 -14.95 22.52
CA ASP B 449 9.50 -16.03 21.98
C ASP B 449 10.96 -15.64 21.73
N ALA B 450 11.34 -14.41 22.12
CA ALA B 450 12.69 -13.89 21.99
C ALA B 450 13.08 -13.59 20.54
N SER B 451 12.14 -13.73 19.62
CA SER B 451 12.39 -13.41 18.21
C SER B 451 12.84 -11.98 18.03
N VAL B 452 13.86 -11.79 17.20
CA VAL B 452 14.33 -10.46 16.86
C VAL B 452 13.87 -10.08 15.46
N TYR B 453 13.13 -8.99 15.36
CA TYR B 453 12.65 -8.56 14.07
C TYR B 453 13.31 -7.26 13.68
N CYS B 454 13.65 -7.15 12.40
CA CYS B 454 14.14 -5.91 11.83
C CYS B 454 13.30 -5.54 10.63
N VAL B 455 12.88 -4.29 10.56
CA VAL B 455 12.15 -3.83 9.40
C VAL B 455 13.06 -2.85 8.67
N TYR B 456 13.29 -3.17 7.40
CA TYR B 456 14.12 -2.39 6.51
C TYR B 456 13.19 -1.68 5.54
N ILE B 457 13.00 -0.39 5.76
CA ILE B 457 12.10 0.38 4.94
C ILE B 457 12.93 1.03 3.86
N MET B 458 12.71 0.66 2.59
CA MET B 458 13.54 1.22 1.53
C MET B 458 12.78 1.69 0.31
N GLU B 459 13.27 2.78 -0.28
CA GLU B 459 12.73 3.30 -1.52
C GLU B 459 13.21 2.39 -2.64
N LEU B 460 12.29 1.69 -3.30
CA LEU B 460 12.66 0.76 -4.36
C LEU B 460 12.03 1.13 -5.69
N ALA B 461 12.75 0.98 -6.79
CA ALA B 461 12.21 1.31 -8.09
C ALA B 461 11.23 0.25 -8.55
N SER B 462 9.99 0.67 -8.78
CA SER B 462 8.94 -0.24 -9.22
C SER B 462 8.67 -0.09 -10.72
N ASN B 463 8.26 -1.18 -11.36
CA ASN B 463 7.98 -1.16 -12.78
C ASN B 463 6.59 -0.63 -13.11
N ILE B 464 5.69 -0.62 -12.12
CA ILE B 464 4.31 -0.18 -12.39
C ILE B 464 3.90 1.10 -11.67
N VAL B 465 4.49 1.37 -10.50
CA VAL B 465 4.10 2.58 -9.81
C VAL B 465 5.23 3.58 -9.87
N GLY B 466 4.87 4.83 -9.72
CA GLY B 466 5.80 5.94 -9.74
C GLY B 466 7.04 5.70 -8.94
N GLU B 467 8.13 6.29 -9.40
CA GLU B 467 9.44 6.18 -8.77
C GLU B 467 9.39 6.09 -7.24
N PHE B 468 9.72 4.88 -6.77
CA PHE B 468 9.96 4.55 -5.36
C PHE B 468 8.75 4.02 -4.60
N GLN B 469 8.42 2.77 -4.86
CA GLN B 469 7.57 2.08 -3.92
C GLN B 469 8.42 1.99 -2.65
N ILE B 470 7.97 2.63 -1.59
CA ILE B 470 8.66 2.52 -0.31
C ILE B 470 8.19 1.24 0.39
N LEU B 471 9.08 0.26 0.47
CA LEU B 471 8.74 -1.09 0.87
C LEU B 471 9.29 -1.36 2.29
N PRO B 472 8.42 -1.67 3.25
CA PRO B 472 8.85 -2.10 4.58
C PRO B 472 9.07 -3.61 4.64
N VAL B 473 10.31 -4.09 4.47
CA VAL B 473 10.49 -5.54 4.51
C VAL B 473 10.94 -5.98 5.91
N LEU B 474 10.14 -6.88 6.47
CA LEU B 474 10.34 -7.37 7.83
C LEU B 474 11.02 -8.73 7.81
N THR B 475 12.09 -8.86 8.58
CA THR B 475 12.87 -10.09 8.63
C THR B 475 13.10 -10.48 10.08
N ARG B 476 13.26 -11.77 10.31
CA ARG B 476 13.69 -12.26 11.60
C ARG B 476 15.21 -12.36 11.57
N LEU B 477 15.87 -11.84 12.61
CA LEU B 477 17.32 -11.84 12.65
C LEU B 477 17.84 -12.93 13.59
N THR B 478 18.69 -13.80 13.07
CA THR B 478 19.23 -14.91 13.85
C THR B 478 20.62 -14.60 14.39
N ILE B 479 20.77 -14.67 15.71
CA ILE B 479 22.01 -14.33 16.38
C ILE B 479 22.60 -15.53 17.11
N THR B 480 23.87 -15.83 16.86
CA THR B 480 24.54 -16.96 17.51
C THR B 480 25.76 -16.48 18.28
#